data_8T6Y
#
_entry.id   8T6Y
#
_cell.length_a   1.00
_cell.length_b   1.00
_cell.length_c   1.00
_cell.angle_alpha   90.00
_cell.angle_beta   90.00
_cell.angle_gamma   90.00
#
_symmetry.space_group_name_H-M   'P 1'
#
loop_
_entity.id
_entity.type
_entity.pdbx_description
1 polymer 'CRISPR-associated endonuclease Cas9/Csn1'
2 polymer gRNA
3 polymer TS
4 polymer NTS
#
loop_
_entity_poly.entity_id
_entity_poly.type
_entity_poly.pdbx_seq_one_letter_code
_entity_poly.pdbx_strand_id
1 'polypeptide(L)'
;EDKKYSIGLDIGTNSVGWAVITDEYKVPSKKFKVLGNTDRHSIKKNLIGALLFDSGETAERTRLKRTARRRYTRRKNRIC
YLQEIFSNEMAKVDDSFFHRLEESFLVEEDKKHERHPIFGNIVDEVAYHEKYPTIYHLRKKLVDSTDKADLRLIYLALAH
MIKFRGHFLIEGDLNPDNSDVDKLFIQLVQTYNQLFEENPINASGVDAKAILSARLSKSRRLENLIAQLPGEKKNGLFGN
LIALSLGLTPNFKSNFDLAEDAKLQLSKDTYDDDLDNLLAQIGDQYADLFLAAKNLSDAILLSDILRVNTEITKAPLSAS
MIKRYDEHHQDLTLLKALVRQQLPEKYKEIFFDQSKNGYAGYIDGGASQEEFYKFIKPILEKMDGTEELLVKLNREDLLR
KQRTFDNGSIPHQIHLGELHAILRRQEDFYPFLKDNREKIEKILTFRIPYYVGPLARGNSRFAWMTRKSEETITPWNFEE
VVDKGASAQSFIERMTNFDKNLPNEKVLPKHSLLYEYFTVYNELTKVKYVTEGMRKPAFLSGEQKKAIVDLLFKTNRKVT
VKQLKEDYFKKIECFDSVEISGVEDRFNASLGTYHDLLKIIKDKDFLDNEENEDILEDIVLTLTLFEDREMIEERLKTYA
HLFDDKVMKQLKRRRYTGWGRLSRKLINGIRDKQSGKTILDFLKSDGFANRNFMQLIHDDSLTFKEDIQKAQVSGQGDSL
HEHIANLAGSPAIKKGILQTVKVVDELVKVMGRHKPENIVIEMARENQTTQKGQKNSRERMKRIEEGIKELGSQILKEHP
VENTQLQNEKLYLYYLQNGRDMYVDQELDINRLSDYDVDHIVPQSFLKDDSIDNKVLTRSDKNRGKSDNVPSEEVVKKMK
NYWRQLLNAKLITQRKFDNLTKAERGGLSELDKAGFIKRQLVETRQITKHVAQILDSRMNTKYDENDKLIREVKVITLKS
KLVSDFRKDFQFYKVREINNYHHAHDAYLNAVVGTALIKKYPKLESEFVYGDYKVYDVRKMIAKSEQEIGKATAKYFFYS
NIMNFFKTEITLANGEIRKRPLIETNGETGEIVWDKGRDFATVRKVLSMPQVNIVKKTEVQTGGFSKESIRPKRNSDKLI
ARKKDWDPKKYGGFLWPTVAYSVLVVAKVEKGKSKKLKSVKELLGITIMERSSFEKNPIDFLEAKGYKEVKKDLIIKLPK
YSLFELENGRKRMLASAKQLQKGNELALPSKYVNFLYLASHYEKLKGSPEDNEQKQLFVEQHKHYLDEIIEQISEFSKRV
ILADANLDKVLSAYNKHRDKPIREQAENIIHLFTLTRLGAPRAFKYFDTTIDPKQYRSTKEVLDATLIHQSITGLYETRI
DLSQLGGDG
;
A
2 'polyribonucleotide'
;AGAAAUACGCGUUUUAGAGCUAGAAAUAGCAAGUUAAAAUAAGGCUAGUCCGUUAUCAACUUGAAAAAGUGGCACCGAGU
CGGUGCUU
;
B
3 'polydeoxyribonucleotide' (DT)(DT)(DG)(DT)(DA)(DC)(DT)(DG)(DT)(DA)(DG) C
4 'polydeoxyribonucleotide' (DT)(DA)(DC)(DA)(DG)(DT)(DA)(DC)(DA)(DA) D
#
loop_
_chem_comp.id
_chem_comp.type
_chem_comp.name
_chem_comp.formula
A RNA linking ADENOSINE-5'-MONOPHOSPHATE 'C10 H14 N5 O7 P'
C RNA linking CYTIDINE-5'-MONOPHOSPHATE 'C9 H14 N3 O8 P'
DA DNA linking 2'-DEOXYADENOSINE-5'-MONOPHOSPHATE 'C10 H14 N5 O6 P'
DC DNA linking 2'-DEOXYCYTIDINE-5'-MONOPHOSPHATE 'C9 H14 N3 O7 P'
DG DNA linking 2'-DEOXYGUANOSINE-5'-MONOPHOSPHATE 'C10 H14 N5 O7 P'
DT DNA linking THYMIDINE-5'-MONOPHOSPHATE 'C10 H15 N2 O8 P'
G RNA linking GUANOSINE-5'-MONOPHOSPHATE 'C10 H14 N5 O8 P'
U RNA linking URIDINE-5'-MONOPHOSPHATE 'C9 H13 N2 O9 P'
#
# COMPACT_ATOMS: atom_id res chain seq x y z
N LYS A 3 -44.75 17.12 -0.71
CA LYS A 3 -44.94 15.84 -0.04
C LYS A 3 -43.89 14.82 -0.46
N LYS A 4 -44.06 14.26 -1.67
CA LYS A 4 -43.13 13.25 -2.14
C LYS A 4 -41.81 13.91 -2.53
N TYR A 5 -40.71 13.20 -2.26
CA TYR A 5 -39.39 13.77 -2.44
C TYR A 5 -38.39 12.66 -2.70
N SER A 6 -37.23 13.05 -3.23
CA SER A 6 -36.18 12.11 -3.57
C SER A 6 -34.83 12.65 -3.12
N ILE A 7 -33.90 11.74 -2.85
CA ILE A 7 -32.55 12.07 -2.44
C ILE A 7 -31.58 11.48 -3.45
N GLY A 8 -30.65 12.29 -3.92
CA GLY A 8 -29.60 11.84 -4.81
C GLY A 8 -28.26 11.87 -4.09
N LEU A 9 -27.44 10.87 -4.35
CA LEU A 9 -26.12 10.77 -3.73
C LEU A 9 -25.06 10.58 -4.79
N ASP A 10 -23.84 10.99 -4.45
CA ASP A 10 -22.67 10.80 -5.30
C ASP A 10 -21.52 10.43 -4.36
N ILE A 11 -21.26 9.14 -4.23
CA ILE A 11 -20.29 8.64 -3.26
C ILE A 11 -18.92 8.62 -3.90
N GLY A 12 -17.96 9.30 -3.28
CA GLY A 12 -16.59 9.30 -3.73
C GLY A 12 -15.65 8.87 -2.62
N THR A 13 -14.36 8.89 -2.93
CA THR A 13 -13.36 8.49 -1.94
C THR A 13 -13.18 9.55 -0.87
N ASN A 14 -13.18 10.83 -1.26
CA ASN A 14 -12.97 11.92 -0.32
C ASN A 14 -14.20 12.82 -0.17
N SER A 15 -15.32 12.48 -0.79
CA SER A 15 -16.48 13.36 -0.77
C SER A 15 -17.75 12.55 -0.95
N VAL A 16 -18.82 13.01 -0.30
CA VAL A 16 -20.16 12.48 -0.49
C VAL A 16 -21.08 13.65 -0.81
N GLY A 17 -21.64 13.66 -2.01
CA GLY A 17 -22.61 14.66 -2.38
C GLY A 17 -24.02 14.21 -2.04
N TRP A 18 -24.89 15.18 -1.75
CA TRP A 18 -26.27 14.88 -1.39
C TRP A 18 -27.16 16.04 -1.79
N ALA A 19 -28.38 15.72 -2.22
CA ALA A 19 -29.34 16.74 -2.59
C ALA A 19 -30.75 16.18 -2.44
N VAL A 20 -31.68 17.03 -2.02
CA VAL A 20 -33.07 16.65 -1.84
C VAL A 20 -33.90 17.39 -2.89
N ILE A 21 -34.66 16.63 -3.68
CA ILE A 21 -35.48 17.20 -4.74
C ILE A 21 -36.93 16.84 -4.49
N THR A 22 -37.83 17.64 -5.05
CA THR A 22 -39.24 17.33 -5.05
C THR A 22 -39.61 16.68 -6.38
N ASP A 23 -40.90 16.46 -6.60
CA ASP A 23 -41.37 15.93 -7.88
C ASP A 23 -41.32 16.96 -9.00
N GLU A 24 -41.10 18.23 -8.69
CA GLU A 24 -40.92 19.27 -9.70
C GLU A 24 -39.46 19.58 -9.96
N TYR A 25 -38.54 18.73 -9.48
CA TYR A 25 -37.09 18.89 -9.62
C TYR A 25 -36.60 20.20 -9.00
N LYS A 26 -37.21 20.62 -7.91
CA LYS A 26 -36.81 21.81 -7.17
C LYS A 26 -36.22 21.40 -5.83
N VAL A 27 -35.19 22.11 -5.40
CA VAL A 27 -34.55 21.87 -4.11
C VAL A 27 -35.27 22.74 -3.07
N PRO A 28 -35.87 22.14 -2.05
CA PRO A 28 -36.57 22.94 -1.04
C PRO A 28 -35.60 23.72 -0.17
N SER A 29 -36.14 24.75 0.47
CA SER A 29 -35.39 25.60 1.39
C SER A 29 -36.19 25.74 2.68
N LYS A 30 -35.54 25.52 3.82
CA LYS A 30 -36.22 25.51 5.10
C LYS A 30 -35.46 26.38 6.09
N LYS A 31 -36.20 26.94 7.05
CA LYS A 31 -35.62 27.78 8.11
C LYS A 31 -35.20 26.87 9.25
N PHE A 32 -33.90 26.59 9.34
CA PHE A 32 -33.39 25.68 10.35
C PHE A 32 -33.07 26.41 11.64
N LYS A 33 -33.48 25.81 12.76
CA LYS A 33 -33.16 26.36 14.07
C LYS A 33 -31.68 26.18 14.36
N VAL A 34 -31.09 27.17 15.05
CA VAL A 34 -29.69 27.13 15.44
C VAL A 34 -29.61 27.39 16.94
N LEU A 35 -28.80 26.59 17.63
CA LEU A 35 -28.64 26.70 19.07
C LEU A 35 -27.40 27.54 19.38
N GLY A 36 -27.04 27.60 20.66
CA GLY A 36 -25.92 28.39 21.10
C GLY A 36 -26.35 29.70 21.73
N ASN A 37 -25.35 30.47 22.16
CA ASN A 37 -25.57 31.74 22.84
C ASN A 37 -25.59 32.92 21.89
N THR A 38 -25.52 32.68 20.58
CA THR A 38 -25.47 33.77 19.62
C THR A 38 -26.83 34.43 19.45
N ASP A 39 -26.83 35.56 18.75
CA ASP A 39 -28.07 36.30 18.50
C ASP A 39 -28.95 35.55 17.50
N ARG A 40 -28.34 34.83 16.56
CA ARG A 40 -29.08 34.13 15.53
C ARG A 40 -29.91 33.00 16.12
N HIS A 41 -31.18 32.93 15.73
CA HIS A 41 -32.07 31.85 16.14
C HIS A 41 -32.54 30.97 15.00
N SER A 42 -32.51 31.45 13.76
CA SER A 42 -32.92 30.63 12.62
C SER A 42 -32.17 31.08 11.38
N ILE A 43 -31.64 30.10 10.64
CA ILE A 43 -30.92 30.36 9.40
C ILE A 43 -31.65 29.67 8.26
N LYS A 44 -31.83 30.38 7.15
CA LYS A 44 -32.37 29.79 5.94
C LYS A 44 -31.28 28.99 5.25
N LYS A 45 -31.49 27.69 5.07
CA LYS A 45 -30.54 26.84 4.38
C LYS A 45 -31.26 25.99 3.35
N ASN A 46 -30.49 25.52 2.37
CA ASN A 46 -31.01 24.78 1.23
C ASN A 46 -30.65 23.31 1.37
N LEU A 47 -31.50 22.45 0.84
CA LEU A 47 -31.33 21.00 0.98
C LEU A 47 -30.45 20.45 -0.15
N ILE A 48 -29.25 21.00 -0.23
CA ILE A 48 -28.24 20.55 -1.18
C ILE A 48 -26.87 20.85 -0.58
N GLY A 49 -25.94 19.92 -0.72
CA GLY A 49 -24.64 20.11 -0.14
C GLY A 49 -23.74 18.92 -0.37
N ALA A 50 -22.56 18.97 0.25
CA ALA A 50 -21.59 17.91 0.12
C ALA A 50 -20.79 17.80 1.40
N LEU A 51 -20.44 16.58 1.77
CA LEU A 51 -19.59 16.30 2.92
C LEU A 51 -18.20 15.94 2.44
N LEU A 52 -17.19 16.66 2.93
CA LEU A 52 -15.81 16.45 2.53
C LEU A 52 -15.03 15.86 3.70
N PHE A 53 -14.23 14.84 3.43
CA PHE A 53 -13.49 14.16 4.48
C PHE A 53 -12.19 13.60 3.91
N ASP A 54 -11.25 13.35 4.80
CA ASP A 54 -9.99 12.74 4.42
C ASP A 54 -10.19 11.27 4.03
N SER A 55 -9.34 10.80 3.13
CA SER A 55 -9.43 9.43 2.65
C SER A 55 -9.07 8.44 3.75
N GLY A 56 -9.80 7.31 3.78
CA GLY A 56 -9.51 6.27 4.75
C GLY A 56 -8.23 5.52 4.39
N GLU A 57 -7.38 5.30 5.38
CA GLU A 57 -6.09 4.65 5.17
C GLU A 57 -6.23 3.13 5.29
N THR A 58 -5.36 2.42 4.59
CA THR A 58 -5.27 0.98 4.73
C THR A 58 -4.45 0.61 5.96
N ALA A 59 -4.63 -0.63 6.42
CA ALA A 59 -3.89 -1.16 7.57
C ALA A 59 -2.42 -1.43 7.30
N GLU A 60 -1.97 -1.32 6.04
CA GLU A 60 -0.65 -1.77 5.61
C GLU A 60 0.49 -1.20 6.46
N ARG A 61 0.52 0.12 6.63
CA ARG A 61 1.59 0.74 7.40
C ARG A 61 1.55 0.33 8.86
N THR A 62 0.34 0.25 9.43
CA THR A 62 0.19 -0.20 10.81
C THR A 62 0.70 -1.62 10.99
N ARG A 63 0.40 -2.50 10.03
CA ARG A 63 0.93 -3.87 10.07
C ARG A 63 2.45 -3.89 9.96
N LEU A 64 3.02 -2.99 9.16
CA LEU A 64 4.48 -2.94 9.03
C LEU A 64 5.15 -2.51 10.32
N LYS A 65 4.63 -1.47 10.97
CA LYS A 65 5.21 -1.04 12.24
C LYS A 65 5.01 -2.07 13.33
N ARG A 66 3.84 -2.74 13.35
CA ARG A 66 3.58 -3.83 14.30
C ARG A 66 4.58 -4.97 14.14
N THR A 67 4.79 -5.41 12.90
CA THR A 67 5.76 -6.46 12.61
C THR A 67 7.17 -6.07 13.05
N ALA A 68 7.60 -4.85 12.70
CA ALA A 68 8.94 -4.40 13.09
C ALA A 68 9.08 -4.32 14.61
N ARG A 69 8.04 -3.90 15.30
CA ARG A 69 8.04 -3.83 16.75
C ARG A 69 8.15 -5.20 17.38
N ARG A 70 7.44 -6.19 16.81
CA ARG A 70 7.58 -7.57 17.26
C ARG A 70 9.00 -8.11 17.05
N ARG A 71 9.57 -7.83 15.88
CA ARG A 71 10.97 -8.21 15.63
C ARG A 71 11.92 -7.62 16.66
N TYR A 72 11.73 -6.34 17.01
CA TYR A 72 12.62 -5.71 17.99
C TYR A 72 12.46 -6.35 19.37
N THR A 73 11.22 -6.64 19.77
CA THR A 73 10.97 -7.28 21.06
C THR A 73 11.60 -8.67 21.12
N ARG A 74 11.44 -9.46 20.06
CA ARG A 74 11.99 -10.82 20.02
C ARG A 74 13.52 -10.83 19.97
N ARG A 75 14.12 -9.89 19.24
CA ARG A 75 15.57 -9.72 19.28
C ARG A 75 16.08 -9.39 20.68
N LYS A 76 15.42 -8.43 21.35
CA LYS A 76 15.80 -8.11 22.73
C LYS A 76 15.63 -9.32 23.65
N ASN A 77 14.61 -10.13 23.40
CA ASN A 77 14.44 -11.34 24.19
C ASN A 77 15.53 -12.38 23.92
N ARG A 78 16.03 -12.46 22.68
CA ARG A 78 17.18 -13.31 22.40
C ARG A 78 18.40 -12.87 23.19
N ILE A 79 18.62 -11.56 23.26
CA ILE A 79 19.75 -11.04 24.03
C ILE A 79 19.54 -11.33 25.52
N CYS A 80 18.29 -11.23 25.99
CA CYS A 80 17.99 -11.55 27.38
C CYS A 80 18.24 -13.02 27.70
N TYR A 81 17.89 -13.92 26.78
CA TYR A 81 18.16 -15.34 26.99
C TYR A 81 19.67 -15.60 27.07
N LEU A 82 20.44 -14.98 26.17
CA LEU A 82 21.89 -15.20 26.20
C LEU A 82 22.52 -14.63 27.47
N GLN A 83 22.03 -13.48 27.93
CA GLN A 83 22.53 -12.91 29.17
C GLN A 83 22.14 -13.76 30.37
N GLU A 84 20.94 -14.35 30.33
CA GLU A 84 20.52 -15.24 31.40
C GLU A 84 21.40 -16.48 31.47
N ILE A 85 21.82 -16.99 30.31
CA ILE A 85 22.77 -18.10 30.29
C ILE A 85 24.11 -17.67 30.88
N PHE A 86 24.63 -16.52 30.45
CA PHE A 86 25.98 -16.12 30.85
C PHE A 86 26.08 -15.60 32.27
N SER A 87 24.96 -15.14 32.88
CA SER A 87 25.02 -14.27 34.05
C SER A 87 25.67 -14.94 35.26
N ASN A 88 25.33 -16.21 35.51
CA ASN A 88 25.81 -16.88 36.72
C ASN A 88 27.32 -17.03 36.73
N GLU A 89 27.93 -17.23 35.56
CA GLU A 89 29.39 -17.31 35.49
C GLU A 89 30.04 -15.95 35.34
N MET A 90 29.39 -15.02 34.61
CA MET A 90 29.96 -13.71 34.37
C MET A 90 30.02 -12.88 35.65
N ALA A 91 29.07 -13.09 36.56
CA ALA A 91 29.06 -12.36 37.83
C ALA A 91 30.31 -12.64 38.67
N LYS A 92 30.94 -13.80 38.47
CA LYS A 92 32.22 -14.06 39.12
C LYS A 92 33.39 -13.43 38.40
N VAL A 93 33.24 -13.12 37.11
CA VAL A 93 34.33 -12.52 36.34
C VAL A 93 34.22 -11.00 36.33
N ASP A 94 33.03 -10.47 36.04
CA ASP A 94 32.81 -9.03 36.05
C ASP A 94 31.39 -8.78 36.55
N ASP A 95 31.27 -8.09 37.69
CA ASP A 95 29.98 -7.95 38.34
C ASP A 95 29.06 -6.97 37.64
N SER A 96 29.60 -6.05 36.83
CA SER A 96 28.81 -4.97 36.24
C SER A 96 29.10 -4.82 34.77
N PHE A 97 29.21 -5.94 34.05
CA PHE A 97 29.44 -5.88 32.62
C PHE A 97 28.14 -5.63 31.86
N PHE A 98 27.10 -6.41 32.18
CA PHE A 98 25.81 -6.25 31.53
C PHE A 98 25.17 -4.91 31.87
N HIS A 99 25.40 -4.41 33.08
CA HIS A 99 24.89 -3.09 33.43
C HIS A 99 25.57 -2.00 32.62
N ARG A 100 26.88 -2.13 32.39
CA ARG A 100 27.59 -1.18 31.56
C ARG A 100 27.12 -1.24 30.11
N LEU A 101 26.86 -2.45 29.59
CA LEU A 101 26.29 -2.56 28.25
C LEU A 101 24.91 -1.94 28.17
N GLU A 102 24.10 -2.10 29.24
CA GLU A 102 22.77 -1.51 29.27
C GLU A 102 22.82 0.00 29.29
N GLU A 103 23.74 0.58 30.05
CA GLU A 103 23.83 2.02 30.25
C GLU A 103 24.89 2.70 29.37
N SER A 104 25.43 1.99 28.37
CA SER A 104 26.38 2.60 27.43
C SER A 104 25.80 3.78 26.65
N PHE A 105 24.49 3.87 26.52
CA PHE A 105 23.87 5.00 25.83
C PHE A 105 24.04 6.32 26.58
N LEU A 106 24.05 6.28 27.90
CA LEU A 106 23.94 7.49 28.70
C LEU A 106 25.23 8.29 28.69
N VAL A 107 25.10 9.60 28.99
CA VAL A 107 26.26 10.46 29.18
C VAL A 107 26.99 10.05 30.46
N GLU A 108 28.26 10.47 30.56
CA GLU A 108 29.09 10.15 31.72
C GLU A 108 28.48 10.65 33.02
N GLU A 109 27.78 11.79 32.98
CA GLU A 109 27.12 12.29 34.17
C GLU A 109 25.97 11.38 34.62
N ASP A 110 25.20 10.86 33.68
CA ASP A 110 24.08 9.98 33.99
C ASP A 110 24.49 8.53 34.15
N LYS A 111 25.77 8.21 33.96
CA LYS A 111 26.26 6.84 34.01
C LYS A 111 26.81 6.56 35.40
N LYS A 112 26.27 5.53 36.07
CA LYS A 112 26.72 5.21 37.42
C LYS A 112 28.08 4.54 37.42
N HIS A 113 28.37 3.71 36.41
CA HIS A 113 29.63 3.02 36.32
C HIS A 113 30.59 3.77 35.39
N GLU A 114 31.71 3.14 35.07
CA GLU A 114 32.72 3.75 34.22
C GLU A 114 32.21 3.90 32.80
N ARG A 115 32.80 4.86 32.08
CA ARG A 115 32.34 5.19 30.74
C ARG A 115 32.68 4.10 29.73
N HIS A 116 33.75 3.35 29.97
CA HIS A 116 34.17 2.32 29.03
C HIS A 116 33.34 1.06 29.22
N PRO A 117 32.60 0.62 28.19
CA PRO A 117 31.65 -0.47 28.43
C PRO A 117 32.29 -1.83 28.63
N ILE A 118 33.31 -2.17 27.86
CA ILE A 118 33.75 -3.55 27.77
C ILE A 118 34.58 -3.94 29.00
N PHE A 119 35.63 -3.18 29.29
CA PHE A 119 36.49 -3.48 30.42
C PHE A 119 36.32 -2.55 31.61
N GLY A 120 35.87 -1.31 31.39
CA GLY A 120 35.76 -0.36 32.47
C GLY A 120 37.05 0.34 32.83
N ASN A 121 38.16 0.03 32.15
CA ASN A 121 39.43 0.69 32.35
C ASN A 121 39.88 1.14 30.98
N ILE A 122 40.49 2.32 30.91
CA ILE A 122 40.80 2.91 29.61
C ILE A 122 41.95 2.17 28.91
N VAL A 123 42.91 1.65 29.68
CA VAL A 123 44.05 0.98 29.09
C VAL A 123 43.62 -0.31 28.39
N ASP A 124 42.79 -1.11 29.06
CA ASP A 124 42.30 -2.34 28.45
C ASP A 124 41.37 -2.07 27.29
N GLU A 125 40.60 -0.98 27.34
CA GLU A 125 39.73 -0.64 26.21
C GLU A 125 40.54 -0.23 24.99
N VAL A 126 41.60 0.56 25.19
CA VAL A 126 42.48 0.93 24.08
C VAL A 126 43.20 -0.29 23.53
N ALA A 127 43.60 -1.21 24.42
CA ALA A 127 44.24 -2.45 23.97
C ALA A 127 43.27 -3.30 23.15
N TYR A 128 42.00 -3.36 23.58
CA TYR A 128 40.98 -4.09 22.83
C TYR A 128 40.78 -3.49 21.44
N HIS A 129 40.70 -2.16 21.36
CA HIS A 129 40.45 -1.53 20.07
C HIS A 129 41.68 -1.54 19.17
N GLU A 130 42.88 -1.62 19.73
CA GLU A 130 44.07 -1.83 18.92
C GLU A 130 44.14 -3.27 18.40
N LYS A 131 43.82 -4.24 19.26
CA LYS A 131 43.94 -5.63 18.85
C LYS A 131 42.84 -6.04 17.89
N TYR A 132 41.60 -5.61 18.15
CA TYR A 132 40.45 -5.92 17.31
C TYR A 132 39.79 -4.62 16.90
N PRO A 133 40.18 -4.04 15.75
CA PRO A 133 39.53 -2.79 15.30
C PRO A 133 38.09 -2.97 14.90
N THR A 134 37.67 -4.18 14.51
CA THR A 134 36.27 -4.50 14.25
C THR A 134 35.88 -5.71 15.08
N ILE A 135 34.58 -5.99 15.10
CA ILE A 135 34.09 -7.17 15.80
C ILE A 135 34.50 -8.44 15.04
N TYR A 136 34.67 -8.34 13.73
CA TYR A 136 35.01 -9.51 12.92
C TYR A 136 36.42 -10.01 13.21
N HIS A 137 37.32 -9.13 13.66
CA HIS A 137 38.63 -9.57 14.09
C HIS A 137 38.54 -10.46 15.33
N LEU A 138 37.72 -10.05 16.30
CA LEU A 138 37.48 -10.86 17.48
C LEU A 138 36.80 -12.17 17.13
N ARG A 139 35.83 -12.12 16.20
CA ARG A 139 35.14 -13.34 15.77
C ARG A 139 36.10 -14.32 15.12
N LYS A 140 36.95 -13.84 14.21
CA LYS A 140 37.89 -14.73 13.52
C LYS A 140 38.93 -15.29 14.49
N LYS A 141 39.36 -14.48 15.46
CA LYS A 141 40.28 -15.02 16.47
C LYS A 141 39.62 -16.11 17.30
N LEU A 142 38.40 -15.86 17.77
CA LEU A 142 37.72 -16.84 18.62
C LEU A 142 37.40 -18.12 17.86
N VAL A 143 37.20 -18.03 16.55
CA VAL A 143 37.10 -19.25 15.74
C VAL A 143 38.46 -19.93 15.63
N ASP A 144 39.53 -19.15 15.45
CA ASP A 144 40.84 -19.69 15.08
C ASP A 144 41.87 -19.66 16.21
N SER A 145 41.43 -19.66 17.46
CA SER A 145 42.36 -19.74 18.59
C SER A 145 41.97 -20.86 19.52
N THR A 146 42.96 -21.57 20.05
CA THR A 146 42.74 -22.66 20.98
C THR A 146 43.00 -22.28 22.43
N ASP A 147 43.58 -21.11 22.69
CA ASP A 147 43.86 -20.69 24.04
C ASP A 147 42.61 -20.15 24.73
N LYS A 148 42.65 -20.08 26.05
CA LYS A 148 41.53 -19.60 26.83
C LYS A 148 41.35 -18.10 26.63
N ALA A 149 40.16 -17.70 26.22
CA ALA A 149 39.83 -16.30 25.98
C ALA A 149 39.02 -15.74 27.14
N ASP A 150 38.92 -14.41 27.16
CA ASP A 150 38.11 -13.73 28.15
C ASP A 150 36.64 -14.03 27.90
N LEU A 151 35.87 -14.20 28.98
CA LEU A 151 34.47 -14.57 28.86
C LEU A 151 33.64 -13.46 28.22
N ARG A 152 33.97 -12.21 28.54
CA ARG A 152 33.19 -11.09 28.01
C ARG A 152 33.39 -10.90 26.51
N LEU A 153 34.59 -11.20 26.00
CA LEU A 153 34.80 -11.14 24.56
C LEU A 153 34.01 -12.24 23.84
N ILE A 154 33.95 -13.43 24.45
CA ILE A 154 33.13 -14.52 23.92
C ILE A 154 31.67 -14.11 23.89
N TYR A 155 31.20 -13.47 24.96
CA TYR A 155 29.83 -12.95 24.98
C TYR A 155 29.62 -11.91 23.88
N LEU A 156 30.58 -11.01 23.68
CA LEU A 156 30.41 -9.98 22.66
C LEU A 156 30.28 -10.58 21.27
N ALA A 157 31.11 -11.58 20.95
CA ALA A 157 31.02 -12.21 19.64
C ALA A 157 29.72 -12.98 19.47
N LEU A 158 29.34 -13.77 20.48
CA LEU A 158 28.11 -14.57 20.38
C LEU A 158 26.88 -13.68 20.33
N ALA A 159 26.86 -12.61 21.13
CA ALA A 159 25.75 -11.66 21.10
C ALA A 159 25.68 -10.92 19.77
N HIS A 160 26.84 -10.61 19.18
CA HIS A 160 26.84 -9.95 17.88
C HIS A 160 26.23 -10.82 16.81
N MET A 161 26.58 -12.11 16.78
CA MET A 161 25.97 -12.93 15.73
C MET A 161 24.60 -13.48 16.10
N ILE A 162 24.18 -13.41 17.36
CA ILE A 162 22.80 -13.76 17.69
C ILE A 162 21.87 -12.59 17.39
N LYS A 163 22.33 -11.37 17.67
CA LYS A 163 21.56 -10.16 17.36
C LYS A 163 21.39 -9.99 15.86
N PHE A 164 22.49 -10.01 15.11
CA PHE A 164 22.49 -9.87 13.65
C PHE A 164 22.76 -11.24 13.05
N ARG A 165 21.73 -12.08 13.01
CA ARG A 165 21.86 -13.50 12.77
C ARG A 165 21.66 -13.93 11.32
N GLY A 166 21.50 -13.00 10.37
CA GLY A 166 21.27 -13.37 8.99
C GLY A 166 19.91 -14.01 8.73
N HIS A 167 19.69 -14.41 7.47
CA HIS A 167 18.36 -14.76 7.01
C HIS A 167 18.09 -16.26 7.06
N PHE A 168 16.80 -16.59 6.93
CA PHE A 168 16.26 -17.94 6.98
C PHE A 168 15.70 -18.40 5.63
N LEU A 169 16.06 -17.74 4.53
CA LEU A 169 15.52 -18.09 3.22
C LEU A 169 15.96 -19.48 2.75
N ILE A 170 17.13 -19.95 3.16
CA ILE A 170 17.62 -21.25 2.75
C ILE A 170 17.36 -22.24 3.87
N GLU A 171 16.55 -23.27 3.59
CA GLU A 171 16.22 -24.28 4.57
C GLU A 171 17.24 -25.42 4.55
N GLY A 172 17.40 -26.07 5.69
CA GLY A 172 18.36 -27.13 5.81
C GLY A 172 19.79 -26.62 5.92
N ASP A 173 20.72 -27.55 5.79
CA ASP A 173 22.13 -27.21 5.83
C ASP A 173 22.55 -26.53 4.54
N LEU A 174 23.70 -25.86 4.58
CA LEU A 174 24.24 -25.18 3.41
C LEU A 174 24.99 -26.21 2.56
N ASN A 175 24.58 -26.34 1.31
CA ASN A 175 25.18 -27.25 0.36
C ASN A 175 25.29 -26.57 -0.99
N PRO A 176 26.19 -27.02 -1.86
CA PRO A 176 26.33 -26.38 -3.18
C PRO A 176 25.11 -26.49 -4.08
N ASP A 177 24.13 -27.34 -3.75
CA ASP A 177 22.92 -27.44 -4.56
C ASP A 177 22.06 -26.17 -4.51
N ASN A 178 22.19 -25.36 -3.46
CA ASN A 178 21.44 -24.11 -3.36
C ASN A 178 22.31 -22.92 -2.99
N SER A 179 23.62 -23.06 -3.00
CA SER A 179 24.51 -21.94 -2.68
C SER A 179 25.55 -21.66 -3.76
N ASP A 180 26.08 -22.70 -4.40
CA ASP A 180 27.05 -22.50 -5.46
C ASP A 180 26.35 -21.95 -6.70
N VAL A 181 26.91 -20.88 -7.28
CA VAL A 181 26.23 -20.06 -8.27
C VAL A 181 25.90 -20.86 -9.53
N ASP A 182 26.73 -21.85 -9.87
CA ASP A 182 26.48 -22.67 -11.05
C ASP A 182 25.18 -23.46 -10.91
N LYS A 183 24.90 -23.97 -9.71
CA LYS A 183 23.72 -24.82 -9.50
C LYS A 183 22.43 -24.02 -9.70
N LEU A 184 22.32 -22.85 -9.07
CA LEU A 184 21.11 -22.06 -9.28
C LEU A 184 21.09 -21.40 -10.65
N PHE A 185 22.24 -21.20 -11.30
CA PHE A 185 22.22 -20.76 -12.69
C PHE A 185 21.63 -21.82 -13.60
N ILE A 186 22.01 -23.08 -13.40
CA ILE A 186 21.42 -24.18 -14.16
C ILE A 186 19.94 -24.32 -13.82
N GLN A 187 19.57 -24.07 -12.56
CA GLN A 187 18.16 -24.08 -12.19
C GLN A 187 17.37 -23.00 -12.92
N LEU A 188 17.96 -21.81 -13.06
CA LEU A 188 17.31 -20.73 -13.81
C LEU A 188 17.18 -21.08 -15.27
N VAL A 189 18.22 -21.67 -15.89
CA VAL A 189 18.08 -22.01 -17.30
C VAL A 189 17.10 -23.17 -17.49
N GLN A 190 16.99 -24.05 -16.50
CA GLN A 190 16.01 -25.14 -16.59
C GLN A 190 14.59 -24.62 -16.50
N THR A 191 14.30 -23.70 -15.57
CA THR A 191 12.95 -23.16 -15.50
C THR A 191 12.65 -22.25 -16.70
N TYR A 192 13.67 -21.58 -17.25
CA TYR A 192 13.47 -20.77 -18.44
C TYR A 192 13.16 -21.64 -19.65
N ASN A 193 13.83 -22.79 -19.76
CA ASN A 193 13.51 -23.73 -20.84
C ASN A 193 12.17 -24.40 -20.62
N GLN A 194 11.79 -24.63 -19.35
CA GLN A 194 10.50 -25.20 -19.04
C GLN A 194 9.36 -24.27 -19.43
N LEU A 195 9.55 -22.96 -19.25
CA LEU A 195 8.53 -22.02 -19.69
C LEU A 195 8.57 -21.83 -21.21
N PHE A 196 9.72 -21.43 -21.74
CA PHE A 196 9.92 -21.32 -23.18
C PHE A 196 10.42 -22.66 -23.70
N GLU A 197 9.47 -23.59 -23.88
CA GLU A 197 9.81 -24.87 -24.49
C GLU A 197 10.22 -24.70 -25.94
N GLU A 198 9.53 -23.84 -26.67
CA GLU A 198 9.94 -23.50 -28.03
C GLU A 198 11.13 -22.56 -28.00
N ASN A 199 12.10 -22.82 -28.87
CA ASN A 199 13.39 -22.15 -28.96
C ASN A 199 14.11 -22.16 -27.62
N PRO A 200 14.61 -23.31 -27.16
CA PRO A 200 15.26 -23.37 -25.85
C PRO A 200 16.66 -22.77 -25.91
N ILE A 201 17.15 -22.40 -24.72
CA ILE A 201 18.51 -21.91 -24.54
C ILE A 201 19.27 -22.97 -23.77
N ASN A 202 20.38 -23.44 -24.33
CA ASN A 202 21.19 -24.48 -23.72
C ASN A 202 22.47 -23.87 -23.17
N ALA A 203 22.87 -24.32 -21.98
CA ALA A 203 24.10 -23.86 -21.35
C ALA A 203 24.68 -25.05 -20.57
N SER A 204 25.58 -25.79 -21.21
CA SER A 204 26.20 -26.95 -20.61
C SER A 204 27.69 -26.81 -20.40
N GLY A 205 28.42 -26.29 -21.39
CA GLY A 205 29.84 -26.10 -21.25
C GLY A 205 30.25 -24.82 -20.57
N VAL A 206 29.30 -23.98 -20.17
CA VAL A 206 29.63 -22.73 -19.50
C VAL A 206 30.04 -23.00 -18.06
N ASP A 207 30.79 -22.06 -17.49
CA ASP A 207 31.29 -22.14 -16.12
C ASP A 207 30.87 -20.86 -15.42
N ALA A 208 29.67 -20.85 -14.84
CA ALA A 208 29.08 -19.62 -14.30
C ALA A 208 29.89 -19.03 -13.17
N LYS A 209 30.60 -19.86 -12.40
CA LYS A 209 31.46 -19.34 -11.35
C LYS A 209 32.66 -18.58 -11.91
N ALA A 210 32.99 -18.76 -13.19
CA ALA A 210 34.10 -18.02 -13.77
C ALA A 210 33.71 -16.58 -14.12
N ILE A 211 32.48 -16.36 -14.59
CA ILE A 211 32.05 -15.02 -14.98
C ILE A 211 31.33 -14.30 -13.83
N LEU A 212 30.30 -14.92 -13.25
CA LEU A 212 29.49 -14.21 -12.26
C LEU A 212 30.24 -13.96 -10.96
N SER A 213 31.19 -14.81 -10.61
CA SER A 213 32.00 -14.61 -9.42
C SER A 213 33.32 -13.92 -9.70
N ALA A 214 33.55 -13.49 -10.93
CA ALA A 214 34.82 -12.82 -11.27
C ALA A 214 34.89 -11.44 -10.63
N ARG A 215 36.11 -11.07 -10.22
CA ARG A 215 36.38 -9.75 -9.64
C ARG A 215 36.56 -8.78 -10.80
N LEU A 216 35.44 -8.36 -11.37
CA LEU A 216 35.42 -7.44 -12.50
C LEU A 216 34.19 -6.55 -12.35
N SER A 217 34.04 -5.60 -13.28
CA SER A 217 32.88 -4.73 -13.23
C SER A 217 31.61 -5.52 -13.56
N LYS A 218 30.49 -5.00 -13.08
CA LYS A 218 29.22 -5.69 -13.24
C LYS A 218 28.75 -5.71 -14.70
N SER A 219 28.83 -4.56 -15.36
CA SER A 219 28.36 -4.44 -16.74
C SER A 219 29.22 -5.27 -17.69
N ARG A 220 30.54 -5.24 -17.51
CA ARG A 220 31.41 -6.03 -18.37
C ARG A 220 31.24 -7.52 -18.09
N ARG A 221 30.87 -7.89 -16.86
CA ARG A 221 30.49 -9.28 -16.59
C ARG A 221 29.24 -9.66 -17.36
N LEU A 222 28.27 -8.75 -17.43
CA LEU A 222 27.06 -9.01 -18.23
C LEU A 222 27.40 -9.21 -19.70
N GLU A 223 28.23 -8.32 -20.26
CA GLU A 223 28.61 -8.47 -21.67
C GLU A 223 29.45 -9.72 -21.92
N ASN A 224 30.28 -10.13 -20.96
CA ASN A 224 31.08 -11.33 -21.14
C ASN A 224 30.19 -12.56 -21.12
N LEU A 225 29.21 -12.60 -20.21
CA LEU A 225 28.27 -13.71 -20.18
C LEU A 225 27.42 -13.77 -21.44
N ILE A 226 27.04 -12.60 -21.98
CA ILE A 226 26.29 -12.58 -23.23
C ILE A 226 27.17 -13.06 -24.39
N ALA A 227 28.45 -12.67 -24.38
CA ALA A 227 29.39 -13.17 -25.39
C ALA A 227 29.60 -14.67 -25.29
N GLN A 228 29.41 -15.25 -24.10
CA GLN A 228 29.44 -16.70 -23.99
C GLN A 228 28.20 -17.38 -24.57
N LEU A 229 27.14 -16.63 -24.87
CA LEU A 229 25.90 -17.19 -25.42
C LEU A 229 25.58 -16.54 -26.75
N PRO A 230 25.96 -17.17 -27.88
CA PRO A 230 25.75 -16.53 -29.19
C PRO A 230 24.30 -16.28 -29.56
N GLY A 231 23.37 -17.09 -29.04
CA GLY A 231 21.98 -16.92 -29.40
C GLY A 231 21.29 -15.73 -28.77
N GLU A 232 21.87 -15.17 -27.71
CA GLU A 232 21.23 -14.11 -26.94
C GLU A 232 22.03 -12.81 -27.04
N LYS A 233 21.36 -11.73 -26.64
CA LYS A 233 21.94 -10.39 -26.60
C LYS A 233 21.77 -9.82 -25.20
N LYS A 234 22.51 -8.74 -24.92
CA LYS A 234 22.42 -8.10 -23.62
C LYS A 234 21.07 -7.44 -23.39
N ASN A 235 20.41 -6.98 -24.45
CA ASN A 235 19.09 -6.39 -24.36
C ASN A 235 17.96 -7.41 -24.41
N GLY A 236 18.28 -8.69 -24.59
CA GLY A 236 17.27 -9.74 -24.62
C GLY A 236 16.75 -10.07 -23.24
N LEU A 237 15.78 -10.97 -23.21
CA LEU A 237 15.12 -11.34 -21.96
C LEU A 237 16.08 -12.05 -21.01
N PHE A 238 16.90 -12.96 -21.53
CA PHE A 238 17.87 -13.65 -20.68
C PHE A 238 18.92 -12.67 -20.18
N GLY A 239 19.38 -11.76 -21.04
CA GLY A 239 20.31 -10.74 -20.60
C GLY A 239 19.69 -9.80 -19.57
N ASN A 240 18.40 -9.52 -19.72
CA ASN A 240 17.67 -8.71 -18.75
C ASN A 240 17.59 -9.43 -17.40
N LEU A 241 17.34 -10.74 -17.43
CA LEU A 241 17.28 -11.53 -16.20
C LEU A 241 18.63 -11.61 -15.52
N ILE A 242 19.71 -11.79 -16.29
CA ILE A 242 21.04 -11.79 -15.72
C ILE A 242 21.38 -10.40 -15.19
N ALA A 243 20.87 -9.35 -15.85
CA ALA A 243 21.12 -7.98 -15.42
C ALA A 243 20.50 -7.69 -14.06
N LEU A 244 19.24 -8.09 -13.85
CA LEU A 244 18.71 -7.81 -12.51
C LEU A 244 19.17 -8.84 -11.49
N SER A 245 19.68 -9.98 -11.93
CA SER A 245 20.42 -10.85 -11.01
C SER A 245 21.70 -10.16 -10.54
N LEU A 246 22.35 -9.42 -11.43
CA LEU A 246 23.54 -8.66 -11.04
C LEU A 246 23.17 -7.35 -10.34
N GLY A 247 22.08 -6.70 -10.74
CA GLY A 247 21.67 -5.47 -10.10
C GLY A 247 21.78 -4.19 -10.90
N LEU A 248 21.64 -4.25 -12.22
CA LEU A 248 21.83 -3.10 -13.10
C LEU A 248 20.57 -2.27 -13.29
N THR A 249 19.46 -2.65 -12.65
CA THR A 249 18.12 -2.08 -12.84
C THR A 249 17.75 -2.11 -14.32
N PRO A 250 17.45 -3.27 -14.89
CA PRO A 250 17.10 -3.35 -16.31
C PRO A 250 15.62 -3.08 -16.54
N ASN A 251 15.21 -3.20 -17.80
CA ASN A 251 13.91 -2.75 -18.27
C ASN A 251 13.23 -3.91 -18.98
N PHE A 252 12.01 -4.22 -18.59
CA PHE A 252 11.23 -5.29 -19.20
C PHE A 252 10.20 -4.80 -20.21
N LYS A 253 10.06 -3.48 -20.41
CA LYS A 253 9.08 -2.97 -21.36
C LYS A 253 9.40 -3.39 -22.78
N SER A 254 10.70 -3.44 -23.12
CA SER A 254 11.10 -3.87 -24.47
C SER A 254 10.80 -5.34 -24.70
N ASN A 255 10.82 -6.15 -23.64
CA ASN A 255 10.55 -7.58 -23.79
C ASN A 255 9.07 -7.89 -23.99
N PHE A 256 8.17 -6.95 -23.65
CA PHE A 256 6.75 -7.25 -23.70
C PHE A 256 5.94 -6.13 -24.34
N ASP A 257 6.58 -5.18 -25.03
CA ASP A 257 5.93 -4.08 -25.76
C ASP A 257 5.03 -3.25 -24.84
N LEU A 258 5.51 -3.02 -23.61
CA LEU A 258 4.74 -2.25 -22.64
C LEU A 258 4.83 -0.76 -22.94
N ALA A 259 3.71 -0.06 -22.76
CA ALA A 259 3.69 1.38 -22.99
C ALA A 259 4.48 2.12 -21.91
N GLU A 260 4.44 1.63 -20.67
CA GLU A 260 5.14 2.24 -19.57
C GLU A 260 6.42 1.48 -19.26
N ASP A 261 7.38 2.19 -18.67
CA ASP A 261 8.66 1.59 -18.31
C ASP A 261 8.48 0.56 -17.20
N ALA A 262 9.48 -0.32 -17.10
CA ALA A 262 9.39 -1.54 -16.29
C ALA A 262 10.63 -1.69 -15.41
N LYS A 263 10.97 -0.62 -14.69
CA LYS A 263 12.10 -0.64 -13.76
C LYS A 263 11.90 -1.70 -12.69
N LEU A 264 12.92 -2.53 -12.50
CA LEU A 264 12.95 -3.51 -11.42
C LEU A 264 14.36 -3.57 -10.86
N GLN A 265 14.46 -3.56 -9.53
CA GLN A 265 15.76 -3.71 -8.88
C GLN A 265 15.56 -4.46 -7.56
N LEU A 266 16.43 -5.44 -7.31
CA LEU A 266 16.31 -6.24 -6.09
C LEU A 266 16.79 -5.47 -4.88
N SER A 267 17.79 -4.60 -5.03
CA SER A 267 18.37 -3.88 -3.91
C SER A 267 17.53 -2.68 -3.48
N LYS A 268 16.40 -2.43 -4.14
CA LYS A 268 15.53 -1.32 -3.78
C LYS A 268 14.86 -1.59 -2.43
N ASP A 269 14.35 -0.51 -1.82
CA ASP A 269 13.72 -0.63 -0.51
C ASP A 269 12.44 -1.45 -0.55
N THR A 270 11.73 -1.42 -1.67
CA THR A 270 10.54 -2.25 -1.85
C THR A 270 10.48 -2.67 -3.31
N TYR A 271 10.77 -3.94 -3.57
CA TYR A 271 10.76 -4.49 -4.92
C TYR A 271 9.50 -5.29 -5.22
N ASP A 272 8.74 -5.68 -4.20
CA ASP A 272 7.58 -6.54 -4.40
C ASP A 272 6.46 -5.84 -5.17
N ASP A 273 6.36 -4.52 -5.06
CA ASP A 273 5.20 -3.81 -5.62
C ASP A 273 5.29 -3.66 -7.14
N ASP A 274 6.41 -3.16 -7.65
CA ASP A 274 6.56 -3.03 -9.09
C ASP A 274 6.66 -4.39 -9.77
N LEU A 275 7.27 -5.36 -9.09
CA LEU A 275 7.21 -6.75 -9.58
C LEU A 275 5.76 -7.22 -9.64
N ASP A 276 4.95 -6.87 -8.64
CA ASP A 276 3.55 -7.27 -8.62
C ASP A 276 2.77 -6.67 -9.79
N ASN A 277 2.97 -5.38 -10.07
CA ASN A 277 2.31 -4.80 -11.25
C ASN A 277 2.83 -5.43 -12.55
N LEU A 278 4.12 -5.74 -12.61
CA LEU A 278 4.71 -6.31 -13.82
C LEU A 278 4.12 -7.68 -14.11
N LEU A 279 4.05 -8.55 -13.10
CA LEU A 279 3.44 -9.85 -13.32
C LEU A 279 1.91 -9.78 -13.35
N ALA A 280 1.31 -8.66 -12.94
CA ALA A 280 -0.09 -8.45 -13.27
C ALA A 280 -0.27 -8.17 -14.75
N GLN A 281 0.69 -7.48 -15.38
CA GLN A 281 0.60 -7.24 -16.82
C GLN A 281 0.87 -8.50 -17.63
N ILE A 282 1.88 -9.30 -17.27
CA ILE A 282 2.25 -10.41 -18.14
C ILE A 282 1.82 -11.77 -17.61
N GLY A 283 1.22 -11.85 -16.43
CA GLY A 283 0.83 -13.12 -15.87
C GLY A 283 1.82 -13.63 -14.84
N ASP A 284 1.39 -14.67 -14.12
CA ASP A 284 2.13 -15.22 -12.99
C ASP A 284 3.08 -16.35 -13.34
N GLN A 285 3.13 -16.79 -14.60
CA GLN A 285 3.99 -17.92 -14.95
C GLN A 285 5.46 -17.57 -14.81
N TYR A 286 5.82 -16.31 -15.01
CA TYR A 286 7.21 -15.86 -14.99
C TYR A 286 7.76 -15.69 -13.58
N ALA A 287 6.91 -15.75 -12.55
CA ALA A 287 7.34 -15.52 -11.18
C ALA A 287 8.38 -16.54 -10.74
N ASP A 288 8.33 -17.75 -11.31
CA ASP A 288 9.41 -18.72 -11.09
C ASP A 288 10.74 -18.18 -11.58
N LEU A 289 10.76 -17.57 -12.77
CA LEU A 289 11.99 -16.99 -13.30
C LEU A 289 12.45 -15.82 -12.46
N PHE A 290 11.52 -14.97 -11.99
CA PHE A 290 11.95 -13.84 -11.17
C PHE A 290 12.50 -14.27 -9.81
N LEU A 291 11.89 -15.24 -9.13
CA LEU A 291 12.51 -15.57 -7.84
C LEU A 291 13.73 -16.46 -8.02
N ALA A 292 13.85 -17.16 -9.16
CA ALA A 292 15.11 -17.81 -9.48
C ALA A 292 16.21 -16.78 -9.71
N ALA A 293 15.89 -15.67 -10.37
CA ALA A 293 16.84 -14.59 -10.53
C ALA A 293 17.20 -13.97 -9.18
N LYS A 294 16.21 -13.86 -8.29
CA LYS A 294 16.47 -13.28 -6.97
C LYS A 294 17.39 -14.18 -6.16
N ASN A 295 17.18 -15.50 -6.20
CA ASN A 295 18.07 -16.39 -5.45
C ASN A 295 19.44 -16.53 -6.11
N LEU A 296 19.52 -16.37 -7.44
CA LEU A 296 20.81 -16.24 -8.09
C LEU A 296 21.54 -14.99 -7.61
N SER A 297 20.82 -13.88 -7.45
CA SER A 297 21.41 -12.67 -6.90
C SER A 297 21.91 -12.89 -5.48
N ASP A 298 21.14 -13.64 -4.69
CA ASP A 298 21.55 -13.99 -3.33
C ASP A 298 22.85 -14.78 -3.38
N ALA A 299 22.96 -15.73 -4.32
CA ALA A 299 24.18 -16.52 -4.46
C ALA A 299 25.36 -15.68 -4.89
N ILE A 300 25.15 -14.75 -5.84
CA ILE A 300 26.24 -13.90 -6.32
C ILE A 300 26.74 -12.96 -5.23
N LEU A 301 25.81 -12.34 -4.49
CA LEU A 301 26.21 -11.46 -3.39
C LEU A 301 26.91 -12.24 -2.29
N LEU A 302 26.41 -13.43 -1.98
CA LEU A 302 27.07 -14.24 -0.96
C LEU A 302 28.46 -14.67 -1.41
N SER A 303 28.64 -14.93 -2.70
CA SER A 303 29.97 -15.21 -3.22
C SER A 303 30.89 -13.99 -3.15
N ASP A 304 30.39 -12.79 -3.47
CA ASP A 304 31.33 -11.67 -3.54
C ASP A 304 31.73 -11.17 -2.15
N ILE A 305 30.84 -11.26 -1.15
CA ILE A 305 31.28 -10.85 0.19
C ILE A 305 32.15 -11.92 0.84
N LEU A 306 32.07 -13.16 0.35
CA LEU A 306 32.92 -14.25 0.86
C LEU A 306 34.07 -14.45 -0.12
N ARG A 307 35.07 -13.57 -0.01
CA ARG A 307 36.24 -13.67 -0.88
C ARG A 307 37.23 -14.71 -0.39
N VAL A 308 37.11 -15.16 0.86
CA VAL A 308 38.01 -16.15 1.42
C VAL A 308 37.36 -17.54 1.32
N ASN A 309 36.35 -17.67 0.44
CA ASN A 309 35.78 -18.97 0.10
C ASN A 309 36.79 -19.88 -0.56
N THR A 310 37.85 -19.32 -1.16
CA THR A 310 38.91 -20.14 -1.76
C THR A 310 39.70 -20.93 -0.72
N GLU A 311 39.64 -20.55 0.55
CA GLU A 311 40.42 -21.20 1.59
C GLU A 311 39.50 -21.74 2.67
N ILE A 312 39.77 -22.95 3.12
CA ILE A 312 39.01 -23.58 4.20
C ILE A 312 39.73 -23.47 5.54
N THR A 313 40.71 -22.57 5.65
CA THR A 313 41.55 -22.47 6.83
C THR A 313 40.99 -21.54 7.90
N LYS A 314 39.81 -20.96 7.69
CA LYS A 314 39.26 -20.02 8.65
C LYS A 314 37.76 -19.91 8.43
N ALA A 315 37.09 -19.24 9.38
CA ALA A 315 35.71 -18.86 9.20
C ALA A 315 35.59 -17.86 8.07
N PRO A 316 34.74 -18.10 7.08
CA PRO A 316 34.80 -17.33 5.82
C PRO A 316 34.39 -15.86 5.94
N LEU A 317 33.26 -15.60 6.62
CA LEU A 317 32.72 -14.25 6.68
C LEU A 317 33.62 -13.31 7.46
N SER A 318 34.07 -13.74 8.65
CA SER A 318 34.95 -12.92 9.47
C SER A 318 36.28 -12.64 8.77
N ALA A 319 36.87 -13.65 8.15
CA ALA A 319 38.15 -13.47 7.47
C ALA A 319 38.00 -12.56 6.25
N SER A 320 36.91 -12.71 5.50
CA SER A 320 36.67 -11.83 4.38
C SER A 320 36.44 -10.40 4.83
N MET A 321 35.81 -10.21 5.99
CA MET A 321 35.53 -8.87 6.44
C MET A 321 36.79 -8.20 6.98
N ILE A 322 37.68 -9.00 7.59
CA ILE A 322 39.00 -8.53 7.98
C ILE A 322 39.78 -8.09 6.75
N LYS A 323 39.74 -8.89 5.68
CA LYS A 323 40.44 -8.52 4.46
C LYS A 323 39.86 -7.27 3.82
N ARG A 324 38.53 -7.10 3.92
CA ARG A 324 37.91 -5.86 3.46
C ARG A 324 38.39 -4.66 4.25
N TYR A 325 38.54 -4.82 5.58
CA TYR A 325 39.09 -3.74 6.40
C TYR A 325 40.53 -3.42 6.00
N ASP A 326 41.33 -4.45 5.75
CA ASP A 326 42.72 -4.23 5.36
C ASP A 326 42.82 -3.52 4.01
N GLU A 327 41.98 -3.91 3.05
CA GLU A 327 41.97 -3.24 1.75
C GLU A 327 41.49 -1.80 1.88
N HIS A 328 40.49 -1.56 2.74
CA HIS A 328 40.01 -0.21 3.00
C HIS A 328 41.12 0.67 3.57
N HIS A 329 41.89 0.13 4.52
CA HIS A 329 43.00 0.90 5.11
C HIS A 329 44.08 1.21 4.09
N GLN A 330 44.53 0.18 3.34
CA GLN A 330 45.63 0.41 2.42
C GLN A 330 45.20 1.21 1.19
N ASP A 331 43.89 1.28 0.91
CA ASP A 331 43.42 2.16 -0.16
C ASP A 331 43.24 3.59 0.34
N LEU A 332 42.73 3.75 1.57
CA LEU A 332 42.55 5.07 2.14
C LEU A 332 43.87 5.80 2.32
N THR A 333 44.92 5.09 2.77
CA THR A 333 46.21 5.76 2.92
C THR A 333 46.78 6.18 1.57
N LEU A 334 46.57 5.37 0.53
CA LEU A 334 47.01 5.73 -0.81
C LEU A 334 46.26 6.95 -1.33
N LEU A 335 44.94 6.96 -1.15
CA LEU A 335 44.14 8.11 -1.59
C LEU A 335 44.54 9.38 -0.83
N LYS A 336 44.76 9.26 0.47
CA LYS A 336 45.19 10.41 1.28
C LYS A 336 46.50 10.98 0.77
N ALA A 337 47.51 10.13 0.59
CA ALA A 337 48.81 10.60 0.12
C ALA A 337 48.71 11.19 -1.28
N LEU A 338 47.95 10.55 -2.16
CA LEU A 338 47.90 10.97 -3.55
C LEU A 338 47.14 12.29 -3.70
N VAL A 339 46.06 12.49 -2.94
CA VAL A 339 45.39 13.78 -2.91
C VAL A 339 46.31 14.85 -2.32
N ARG A 340 46.92 14.56 -1.17
CA ARG A 340 47.75 15.56 -0.48
C ARG A 340 48.98 15.95 -1.29
N GLN A 341 49.45 15.10 -2.20
CA GLN A 341 50.63 15.44 -2.99
C GLN A 341 50.29 15.95 -4.39
N GLN A 342 49.32 15.34 -5.07
CA GLN A 342 49.10 15.62 -6.49
C GLN A 342 47.96 16.60 -6.74
N LEU A 343 47.09 16.84 -5.76
CA LEU A 343 46.02 17.82 -5.88
C LEU A 343 45.75 18.42 -4.50
N PRO A 344 46.64 19.30 -4.03
CA PRO A 344 46.58 19.73 -2.62
C PRO A 344 45.36 20.55 -2.27
N GLU A 345 44.80 21.29 -3.21
CA GLU A 345 43.54 21.98 -2.97
C GLU A 345 42.41 20.95 -2.84
N LYS A 346 41.42 21.28 -2.01
CA LYS A 346 40.23 20.48 -1.72
C LYS A 346 40.55 19.20 -0.95
N TYR A 347 41.76 19.09 -0.38
CA TYR A 347 42.04 18.02 0.57
C TYR A 347 41.15 18.15 1.80
N LYS A 348 41.01 19.37 2.33
CA LYS A 348 40.13 19.62 3.46
C LYS A 348 38.67 19.47 3.07
N GLU A 349 38.33 19.74 1.80
CA GLU A 349 36.95 19.55 1.36
C GLU A 349 36.57 18.08 1.35
N ILE A 350 37.53 17.19 1.15
CA ILE A 350 37.26 15.76 1.12
C ILE A 350 37.34 15.14 2.52
N PHE A 351 38.44 15.38 3.23
CA PHE A 351 38.73 14.63 4.45
C PHE A 351 38.40 15.39 5.74
N PHE A 352 38.15 16.68 5.68
CA PHE A 352 37.83 17.47 6.86
C PHE A 352 36.39 17.99 6.90
N ASP A 353 35.76 18.16 5.74
CA ASP A 353 34.55 18.97 5.67
C ASP A 353 33.34 18.27 6.29
N GLN A 354 33.15 16.99 6.01
CA GLN A 354 32.08 16.15 6.57
C GLN A 354 30.69 16.67 6.23
N SER A 355 30.56 17.40 5.13
CA SER A 355 29.26 17.85 4.66
C SER A 355 29.07 17.73 3.15
N LYS A 356 30.13 17.62 2.36
CA LYS A 356 30.04 17.65 0.90
C LYS A 356 30.35 16.29 0.27
N ASN A 357 29.90 15.22 0.92
CA ASN A 357 29.97 13.85 0.41
C ASN A 357 31.40 13.41 0.10
N GLY A 358 32.34 13.86 0.92
CA GLY A 358 33.71 13.40 0.83
C GLY A 358 33.87 12.11 1.61
N TYR A 359 35.12 11.79 1.94
CA TYR A 359 35.34 10.66 2.84
C TYR A 359 34.87 10.98 4.25
N ALA A 360 35.07 12.23 4.68
CA ALA A 360 34.52 12.67 5.95
C ALA A 360 33.00 12.71 5.92
N GLY A 361 32.41 13.04 4.77
CA GLY A 361 30.97 12.91 4.62
C GLY A 361 30.53 11.47 4.48
N TYR A 362 31.41 10.60 3.98
CA TYR A 362 31.10 9.17 3.88
C TYR A 362 31.04 8.54 5.27
N ILE A 363 31.96 8.94 6.15
CA ILE A 363 32.08 8.30 7.47
C ILE A 363 31.27 9.06 8.50
N ASP A 364 31.60 10.35 8.70
CA ASP A 364 30.99 11.13 9.76
C ASP A 364 29.69 11.80 9.34
N GLY A 365 29.34 11.77 8.06
CA GLY A 365 28.12 12.37 7.57
C GLY A 365 27.14 11.34 7.03
N GLY A 366 26.01 11.85 6.55
CA GLY A 366 24.97 11.00 6.02
C GLY A 366 25.05 10.79 4.52
N ALA A 367 26.18 10.27 4.05
CA ALA A 367 26.38 10.01 2.63
C ALA A 367 26.52 8.51 2.42
N SER A 368 25.81 7.99 1.42
CA SER A 368 25.84 6.57 1.13
C SER A 368 27.11 6.21 0.37
N GLN A 369 27.21 4.94 -0.01
CA GLN A 369 28.38 4.48 -0.77
C GLN A 369 28.36 5.05 -2.18
N GLU A 370 27.20 5.03 -2.85
CA GLU A 370 27.14 5.46 -4.23
C GLU A 370 27.26 6.98 -4.36
N GLU A 371 26.79 7.73 -3.36
CA GLU A 371 27.00 9.17 -3.36
C GLU A 371 28.48 9.51 -3.21
N PHE A 372 29.18 8.79 -2.34
CA PHE A 372 30.62 8.97 -2.18
C PHE A 372 31.36 8.62 -3.46
N TYR A 373 30.92 7.55 -4.14
CA TYR A 373 31.51 7.17 -5.42
C TYR A 373 31.27 8.23 -6.48
N LYS A 374 30.05 8.78 -6.54
CA LYS A 374 29.75 9.80 -7.53
C LYS A 374 30.48 11.11 -7.25
N PHE A 375 30.81 11.36 -5.99
CA PHE A 375 31.64 12.52 -5.67
C PHE A 375 33.11 12.28 -6.01
N ILE A 376 33.60 11.06 -5.79
CA ILE A 376 35.04 10.82 -5.90
C ILE A 376 35.49 10.43 -7.32
N LYS A 377 34.61 9.84 -8.13
CA LYS A 377 34.98 9.47 -9.49
C LYS A 377 35.43 10.64 -10.38
N PRO A 378 34.77 11.82 -10.38
CA PRO A 378 35.40 12.96 -11.10
C PRO A 378 36.76 13.35 -10.56
N ILE A 379 36.95 13.30 -9.24
CA ILE A 379 38.26 13.62 -8.66
C ILE A 379 39.32 12.64 -9.15
N LEU A 380 38.99 11.35 -9.18
CA LEU A 380 39.93 10.35 -9.66
C LEU A 380 40.17 10.47 -11.16
N GLU A 381 39.16 10.93 -11.91
CA GLU A 381 39.33 11.11 -13.34
C GLU A 381 40.23 12.31 -13.65
N LYS A 382 40.11 13.38 -12.88
CA LYS A 382 41.00 14.52 -13.06
C LYS A 382 42.40 14.21 -12.55
N MET A 383 42.53 13.32 -11.57
CA MET A 383 43.80 13.03 -10.95
C MET A 383 44.60 12.08 -11.84
N ASP A 384 45.84 11.78 -11.43
CA ASP A 384 46.71 10.90 -12.18
C ASP A 384 47.22 9.79 -11.27
N GLY A 385 47.47 8.62 -11.86
CA GLY A 385 47.92 7.47 -11.09
C GLY A 385 46.84 6.71 -10.37
N THR A 386 45.57 6.98 -10.69
CA THR A 386 44.44 6.40 -9.99
C THR A 386 43.91 5.14 -10.65
N GLU A 387 44.63 4.60 -11.65
CA GLU A 387 44.12 3.53 -12.50
C GLU A 387 43.78 2.27 -11.70
N GLU A 388 44.70 1.85 -10.83
CA GLU A 388 44.44 0.66 -10.02
C GLU A 388 43.35 0.92 -8.98
N LEU A 389 43.14 2.16 -8.59
CA LEU A 389 42.16 2.51 -7.57
C LEU A 389 40.78 2.73 -8.19
N LEU A 390 40.72 3.27 -9.41
CA LEU A 390 39.44 3.58 -10.04
C LEU A 390 38.66 2.33 -10.44
N VAL A 391 39.37 1.27 -10.83
CA VAL A 391 38.70 0.04 -11.25
C VAL A 391 37.97 -0.62 -10.09
N LYS A 392 38.43 -0.39 -8.85
CA LYS A 392 37.67 -0.85 -7.70
C LYS A 392 36.35 -0.10 -7.58
N LEU A 393 36.36 1.21 -7.83
CA LEU A 393 35.11 1.98 -7.84
C LEU A 393 34.20 1.53 -8.96
N ASN A 394 34.77 1.14 -10.11
CA ASN A 394 33.96 0.64 -11.21
C ASN A 394 33.24 -0.65 -10.85
N ARG A 395 33.85 -1.49 -10.01
CA ARG A 395 33.24 -2.73 -9.55
C ARG A 395 32.61 -2.59 -8.17
N GLU A 396 32.53 -1.37 -7.63
CA GLU A 396 31.98 -1.08 -6.29
C GLU A 396 32.69 -1.89 -5.20
N ASP A 397 34.02 -1.78 -5.17
CA ASP A 397 34.81 -2.46 -4.15
C ASP A 397 35.83 -1.50 -3.54
N LEU A 398 35.52 -0.20 -3.55
CA LEU A 398 36.43 0.83 -3.09
C LEU A 398 35.98 1.35 -1.74
N LEU A 399 36.81 1.16 -0.71
CA LEU A 399 36.61 1.72 0.63
C LEU A 399 35.26 1.31 1.23
N ARG A 400 34.88 0.06 1.04
CA ARG A 400 33.59 -0.41 1.53
C ARG A 400 33.60 -0.55 3.04
N LYS A 401 32.42 -0.40 3.65
CA LYS A 401 32.28 -0.62 5.07
C LYS A 401 31.94 -2.08 5.36
N GLN A 402 31.93 -2.41 6.64
CA GLN A 402 31.61 -3.76 7.09
C GLN A 402 30.12 -3.96 7.33
N ARG A 403 29.36 -2.89 7.52
CA ARG A 403 27.93 -2.98 7.76
C ARG A 403 27.23 -2.24 6.63
N THR A 404 26.98 -2.93 5.53
CA THR A 404 26.33 -2.35 4.36
C THR A 404 25.01 -3.05 4.09
N PHE A 405 24.35 -2.63 3.01
CA PHE A 405 23.10 -3.22 2.57
C PHE A 405 23.29 -4.57 1.89
N ASP A 406 24.53 -4.93 1.53
CA ASP A 406 24.82 -6.22 0.92
C ASP A 406 24.76 -7.37 1.90
N ASN A 407 24.74 -7.10 3.21
CA ASN A 407 24.74 -8.15 4.21
C ASN A 407 23.42 -8.91 4.29
N GLY A 408 22.35 -8.40 3.68
CA GLY A 408 21.07 -9.08 3.65
C GLY A 408 21.05 -10.39 2.88
N SER A 409 22.12 -10.70 2.16
CA SER A 409 22.28 -11.98 1.49
C SER A 409 22.82 -13.08 2.40
N ILE A 410 23.36 -12.74 3.56
CA ILE A 410 24.04 -13.71 4.41
C ILE A 410 23.04 -14.65 5.08
N PRO A 411 23.12 -15.95 4.81
CA PRO A 411 22.23 -16.91 5.50
C PRO A 411 22.62 -17.06 6.96
N HIS A 412 21.68 -17.57 7.74
CA HIS A 412 21.96 -17.77 9.16
C HIS A 412 22.88 -18.96 9.41
N GLN A 413 23.10 -19.81 8.40
CA GLN A 413 23.97 -20.97 8.58
C GLN A 413 25.43 -20.57 8.76
N ILE A 414 25.85 -19.45 8.18
CA ILE A 414 27.23 -18.99 8.35
C ILE A 414 27.46 -18.53 9.79
N HIS A 415 26.54 -17.72 10.31
CA HIS A 415 26.61 -17.31 11.71
C HIS A 415 26.50 -18.51 12.64
N LEU A 416 25.66 -19.48 12.27
CA LEU A 416 25.54 -20.71 13.05
C LEU A 416 26.85 -21.49 13.07
N GLY A 417 27.53 -21.57 11.93
CA GLY A 417 28.80 -22.27 11.87
C GLY A 417 29.88 -21.58 12.69
N GLU A 418 29.94 -20.25 12.62
CA GLU A 418 30.91 -19.52 13.44
C GLU A 418 30.62 -19.66 14.93
N LEU A 419 29.34 -19.59 15.31
CA LEU A 419 28.93 -19.78 16.70
C LEU A 419 29.27 -21.19 17.18
N HIS A 420 29.03 -22.20 16.34
CA HIS A 420 29.35 -23.57 16.70
C HIS A 420 30.86 -23.76 16.84
N ALA A 421 31.64 -23.12 15.97
CA ALA A 421 33.09 -23.21 16.05
C ALA A 421 33.61 -22.59 17.34
N ILE A 422 33.05 -21.45 17.74
CA ILE A 422 33.48 -20.83 19.00
C ILE A 422 33.06 -21.68 20.19
N LEU A 423 31.82 -22.16 20.20
CA LEU A 423 31.37 -22.99 21.33
C LEU A 423 32.07 -24.33 21.40
N ARG A 424 32.64 -24.81 20.29
CA ARG A 424 33.45 -26.02 20.34
C ARG A 424 34.90 -25.74 20.69
N ARG A 425 35.41 -24.54 20.37
CA ARG A 425 36.78 -24.20 20.72
C ARG A 425 36.92 -23.83 22.19
N GLN A 426 35.85 -23.33 22.81
CA GLN A 426 35.86 -22.95 24.22
C GLN A 426 35.03 -23.90 25.08
N GLU A 427 34.79 -25.12 24.59
CA GLU A 427 33.89 -26.03 25.28
C GLU A 427 34.49 -26.53 26.59
N ASP A 428 35.75 -26.97 26.55
CA ASP A 428 36.37 -27.54 27.74
C ASP A 428 36.77 -26.48 28.76
N PHE A 429 37.01 -25.25 28.30
CA PHE A 429 37.47 -24.21 29.21
C PHE A 429 36.34 -23.72 30.12
N TYR A 430 35.13 -23.62 29.58
CA TYR A 430 33.96 -23.21 30.36
C TYR A 430 32.93 -24.32 30.33
N PRO A 431 32.67 -24.99 31.46
CA PRO A 431 31.66 -26.08 31.46
C PRO A 431 30.27 -25.62 31.10
N PHE A 432 29.89 -24.39 31.43
CA PHE A 432 28.55 -23.93 31.12
C PHE A 432 28.36 -23.64 29.65
N LEU A 433 29.43 -23.52 28.87
CA LEU A 433 29.29 -23.53 27.42
C LEU A 433 29.01 -24.92 26.90
N LYS A 434 29.62 -25.94 27.51
CA LYS A 434 29.34 -27.31 27.11
C LYS A 434 27.92 -27.73 27.48
N ASP A 435 27.43 -27.25 28.62
CA ASP A 435 26.07 -27.59 29.04
C ASP A 435 25.02 -26.84 28.24
N ASN A 436 25.35 -25.66 27.70
CA ASN A 436 24.38 -24.81 27.04
C ASN A 436 24.71 -24.56 25.58
N ARG A 437 25.48 -25.46 24.95
CA ARG A 437 25.79 -25.29 23.52
C ARG A 437 24.53 -25.43 22.67
N GLU A 438 23.73 -26.47 22.93
CA GLU A 438 22.47 -26.63 22.22
C GLU A 438 21.50 -25.52 22.53
N LYS A 439 21.54 -24.97 23.75
CA LYS A 439 20.67 -23.85 24.10
C LYS A 439 21.00 -22.61 23.29
N ILE A 440 22.30 -22.29 23.16
CA ILE A 440 22.70 -21.11 22.40
C ILE A 440 22.44 -21.30 20.92
N GLU A 441 22.71 -22.51 20.40
CA GLU A 441 22.40 -22.78 19.00
C GLU A 441 20.90 -22.72 18.74
N LYS A 442 20.08 -23.12 19.72
CA LYS A 442 18.63 -23.01 19.55
C LYS A 442 18.18 -21.56 19.63
N ILE A 443 18.85 -20.74 20.45
CA ILE A 443 18.54 -19.31 20.47
C ILE A 443 18.80 -18.68 19.11
N LEU A 444 19.93 -19.03 18.49
CA LEU A 444 20.23 -18.47 17.17
C LEU A 444 19.28 -19.00 16.10
N THR A 445 18.99 -20.31 16.13
CA THR A 445 18.32 -20.94 15.00
C THR A 445 16.81 -21.04 15.13
N PHE A 446 16.22 -20.68 16.27
CA PHE A 446 14.77 -20.79 16.37
C PHE A 446 14.08 -19.65 15.64
N ARG A 447 13.05 -20.00 14.89
CA ARG A 447 12.21 -19.04 14.21
C ARG A 447 10.76 -19.46 14.41
N ILE A 448 9.92 -18.54 14.86
CA ILE A 448 8.50 -18.85 15.07
C ILE A 448 7.84 -19.15 13.74
N PRO A 449 7.19 -20.31 13.58
CA PRO A 449 6.54 -20.66 12.32
C PRO A 449 5.45 -19.67 11.92
N TYR A 450 5.24 -19.56 10.60
CA TYR A 450 4.15 -18.74 10.06
C TYR A 450 2.78 -19.15 10.60
N TYR A 451 2.58 -20.43 10.87
CA TYR A 451 1.29 -20.92 11.38
C TYR A 451 1.13 -20.80 12.89
N VAL A 452 2.15 -20.38 13.61
CA VAL A 452 1.99 -20.19 15.05
C VAL A 452 1.61 -18.75 15.38
N GLY A 453 2.26 -17.77 14.76
CA GLY A 453 1.98 -16.38 15.02
C GLY A 453 2.34 -15.96 16.42
N PRO A 454 1.74 -14.84 16.89
CA PRO A 454 2.11 -14.29 18.19
C PRO A 454 1.86 -15.27 19.32
N LEU A 455 2.84 -15.36 20.22
CA LEU A 455 2.78 -16.30 21.34
C LEU A 455 1.98 -15.71 22.51
N ALA A 456 0.72 -15.40 22.23
CA ALA A 456 -0.11 -14.67 23.17
C ALA A 456 -0.82 -15.62 24.14
N ARG A 457 -1.62 -15.03 25.02
CA ARG A 457 -2.40 -15.76 26.02
C ARG A 457 -3.82 -15.22 26.04
N GLY A 458 -4.41 -15.07 24.86
CA GLY A 458 -5.78 -14.66 24.73
C GLY A 458 -6.01 -13.16 24.64
N ASN A 459 -4.99 -12.34 24.90
CA ASN A 459 -5.14 -10.89 24.90
C ASN A 459 -4.66 -10.25 23.61
N SER A 460 -4.67 -10.99 22.52
CA SER A 460 -4.28 -10.45 21.22
C SER A 460 -5.42 -10.59 20.22
N ARG A 461 -5.65 -9.51 19.46
CA ARG A 461 -6.59 -9.56 18.36
C ARG A 461 -6.10 -10.47 17.25
N PHE A 462 -4.78 -10.65 17.14
CA PHE A 462 -4.14 -11.30 16.00
C PHE A 462 -3.78 -12.76 16.25
N ALA A 463 -3.47 -13.13 17.49
CA ALA A 463 -3.05 -14.48 17.80
C ALA A 463 -4.18 -15.50 17.65
N TRP A 464 -3.80 -16.73 17.33
CA TRP A 464 -4.70 -17.87 17.32
C TRP A 464 -4.11 -19.12 17.96
N MET A 465 -2.88 -19.05 18.47
CA MET A 465 -2.17 -20.24 18.91
C MET A 465 -2.80 -20.86 20.17
N THR A 466 -2.92 -22.18 20.17
CA THR A 466 -3.50 -22.92 21.27
C THR A 466 -2.37 -23.63 22.02
N ARG A 467 -2.30 -23.42 23.33
CA ARG A 467 -1.26 -24.01 24.15
C ARG A 467 -1.66 -25.41 24.63
N LYS A 468 -0.65 -26.24 24.87
CA LYS A 468 -0.84 -27.50 25.58
C LYS A 468 -0.42 -27.42 27.04
N SER A 469 0.05 -26.26 27.50
CA SER A 469 0.46 -26.08 28.89
C SER A 469 0.43 -24.59 29.19
N GLU A 470 0.50 -24.26 30.48
CA GLU A 470 0.49 -22.88 30.95
C GLU A 470 1.85 -22.58 31.60
N GLU A 471 2.81 -22.18 30.78
CA GLU A 471 4.13 -21.79 31.27
C GLU A 471 4.78 -20.92 30.21
N THR A 472 5.90 -20.30 30.59
CA THR A 472 6.59 -19.38 29.68
C THR A 472 7.22 -20.15 28.53
N ILE A 473 7.08 -19.60 27.33
CA ILE A 473 7.63 -20.20 26.12
C ILE A 473 9.02 -19.66 25.84
N THR A 474 9.98 -20.57 25.73
CA THR A 474 11.35 -20.31 25.34
C THR A 474 11.62 -21.14 24.08
N PRO A 475 12.67 -20.81 23.31
CA PRO A 475 13.00 -21.66 22.17
C PRO A 475 13.38 -23.09 22.55
N TRP A 476 13.84 -23.31 23.78
CA TRP A 476 14.24 -24.64 24.20
C TRP A 476 13.04 -25.57 24.40
N ASN A 477 11.91 -25.03 24.86
CA ASN A 477 10.73 -25.84 25.13
C ASN A 477 9.54 -25.44 24.26
N PHE A 478 9.80 -24.88 23.08
CA PHE A 478 8.72 -24.53 22.17
C PHE A 478 8.01 -25.77 21.66
N GLU A 479 8.75 -26.84 21.41
CA GLU A 479 8.19 -28.03 20.79
C GLU A 479 7.25 -28.81 21.71
N GLU A 480 7.26 -28.53 23.00
CA GLU A 480 6.44 -29.28 23.95
C GLU A 480 5.43 -28.41 24.70
N VAL A 481 5.18 -27.18 24.24
CA VAL A 481 4.20 -26.29 24.85
C VAL A 481 3.07 -25.97 23.88
N VAL A 482 3.42 -25.57 22.66
CA VAL A 482 2.39 -25.23 21.68
C VAL A 482 1.82 -26.50 21.08
N ASP A 483 0.50 -26.51 20.92
CA ASP A 483 -0.20 -27.59 20.25
C ASP A 483 -0.15 -27.28 18.75
N LYS A 484 0.77 -27.95 18.03
CA LYS A 484 0.99 -27.60 16.64
C LYS A 484 -0.17 -28.03 15.75
N GLY A 485 -0.85 -29.12 16.08
CA GLY A 485 -2.02 -29.52 15.32
C GLY A 485 -3.16 -28.52 15.43
N ALA A 486 -3.46 -28.08 16.66
CA ALA A 486 -4.55 -27.13 16.86
C ALA A 486 -4.19 -25.76 16.31
N SER A 487 -2.93 -25.35 16.47
CA SER A 487 -2.48 -24.08 15.92
C SER A 487 -2.55 -24.09 14.40
N ALA A 488 -2.12 -25.19 13.77
CA ALA A 488 -2.21 -25.31 12.33
C ALA A 488 -3.67 -25.30 11.85
N GLN A 489 -4.55 -25.97 12.59
CA GLN A 489 -5.97 -25.99 12.20
C GLN A 489 -6.58 -24.59 12.29
N SER A 490 -6.28 -23.86 13.37
CA SER A 490 -6.79 -22.49 13.48
C SER A 490 -6.18 -21.58 12.42
N PHE A 491 -4.91 -21.82 12.09
CA PHE A 491 -4.26 -21.11 11.00
C PHE A 491 -4.98 -21.35 9.67
N ILE A 492 -5.39 -22.60 9.41
CA ILE A 492 -6.18 -22.90 8.22
C ILE A 492 -7.50 -22.15 8.24
N GLU A 493 -8.20 -22.18 9.38
CA GLU A 493 -9.50 -21.51 9.47
C GLU A 493 -9.40 -19.99 9.33
N ARG A 494 -8.28 -19.39 9.71
CA ARG A 494 -8.18 -17.94 9.63
C ARG A 494 -7.63 -17.38 8.32
N MET A 495 -6.55 -17.95 7.79
CA MET A 495 -5.93 -17.33 6.62
C MET A 495 -6.64 -17.61 5.31
N THR A 496 -7.61 -18.52 5.28
CA THR A 496 -8.42 -18.73 4.08
C THR A 496 -9.32 -17.53 3.80
N ASN A 497 -9.42 -17.17 2.52
CA ASN A 497 -10.42 -16.25 2.04
C ASN A 497 -11.68 -17.01 1.60
N PHE A 498 -12.75 -16.26 1.41
CA PHE A 498 -14.05 -16.80 1.02
C PHE A 498 -14.48 -16.19 -0.30
N ASP A 499 -15.23 -16.98 -1.06
CA ASP A 499 -15.62 -16.61 -2.42
C ASP A 499 -16.68 -15.53 -2.37
N LYS A 500 -16.49 -14.49 -3.18
CA LYS A 500 -17.39 -13.33 -3.14
C LYS A 500 -18.75 -13.66 -3.75
N ASN A 501 -18.78 -14.48 -4.80
CA ASN A 501 -20.06 -14.80 -5.43
C ASN A 501 -20.89 -15.74 -4.57
N LEU A 502 -20.22 -16.60 -3.80
CA LEU A 502 -20.89 -17.54 -2.89
C LEU A 502 -20.07 -17.60 -1.61
N PRO A 503 -20.46 -16.88 -0.57
CA PRO A 503 -19.69 -16.90 0.68
C PRO A 503 -19.89 -18.14 1.54
N ASN A 504 -19.23 -18.13 2.71
CA ASN A 504 -19.12 -19.25 3.64
C ASN A 504 -18.44 -20.47 3.02
N GLU A 505 -17.87 -20.33 1.82
CA GLU A 505 -17.29 -21.41 1.05
C GLU A 505 -15.78 -21.26 0.99
N LYS A 506 -15.07 -22.37 1.25
CA LYS A 506 -13.61 -22.35 1.23
C LYS A 506 -13.11 -22.13 -0.18
N VAL A 507 -12.21 -21.17 -0.35
CA VAL A 507 -11.70 -20.85 -1.67
C VAL A 507 -10.64 -21.86 -2.09
N LEU A 508 -10.61 -22.16 -3.39
CA LEU A 508 -9.54 -23.03 -3.88
C LEU A 508 -8.25 -22.24 -4.05
N PRO A 509 -7.09 -22.91 -3.95
CA PRO A 509 -5.83 -22.27 -4.32
C PRO A 509 -5.82 -21.94 -5.80
N LYS A 510 -5.02 -20.94 -6.18
CA LYS A 510 -4.93 -20.61 -7.59
C LYS A 510 -4.12 -21.63 -8.37
N HIS A 511 -3.35 -22.48 -7.68
CA HIS A 511 -2.65 -23.59 -8.31
C HIS A 511 -3.38 -24.91 -8.14
N SER A 512 -4.67 -24.87 -7.84
CA SER A 512 -5.48 -26.07 -7.75
C SER A 512 -5.66 -26.73 -9.11
N LEU A 513 -5.88 -28.04 -9.11
CA LEU A 513 -6.05 -28.77 -10.35
C LEU A 513 -7.38 -28.41 -11.03
N LEU A 514 -8.48 -28.42 -10.26
CA LEU A 514 -9.76 -28.05 -10.85
C LEU A 514 -9.83 -26.55 -11.16
N TYR A 515 -9.05 -25.72 -10.47
CA TYR A 515 -8.97 -24.32 -10.87
C TYR A 515 -8.30 -24.16 -12.22
N GLU A 516 -7.21 -24.92 -12.46
CA GLU A 516 -6.57 -24.88 -13.77
C GLU A 516 -7.46 -25.47 -14.85
N TYR A 517 -8.21 -26.52 -14.50
CA TYR A 517 -9.18 -27.09 -15.43
C TYR A 517 -10.25 -26.07 -15.79
N PHE A 518 -10.75 -25.32 -14.80
CA PHE A 518 -11.75 -24.29 -15.03
C PHE A 518 -11.21 -23.22 -15.95
N THR A 519 -10.02 -22.68 -15.65
CA THR A 519 -9.55 -21.55 -16.46
C THR A 519 -9.15 -22.00 -17.86
N VAL A 520 -8.63 -23.22 -18.01
CA VAL A 520 -8.36 -23.78 -19.32
C VAL A 520 -9.64 -23.94 -20.11
N TYR A 521 -10.70 -24.45 -19.47
CA TYR A 521 -11.93 -24.70 -20.21
C TYR A 521 -12.65 -23.40 -20.54
N ASN A 522 -12.58 -22.40 -19.67
CA ASN A 522 -13.21 -21.11 -19.96
C ASN A 522 -12.45 -20.38 -21.06
N GLU A 523 -11.12 -20.53 -21.09
CA GLU A 523 -10.33 -20.05 -22.21
C GLU A 523 -10.69 -20.77 -23.51
N LEU A 524 -10.94 -22.07 -23.44
CA LEU A 524 -11.02 -22.90 -24.64
C LEU A 524 -12.43 -23.04 -25.21
N THR A 525 -13.48 -22.83 -24.42
CA THR A 525 -14.83 -22.99 -24.92
C THR A 525 -15.28 -21.82 -25.80
N LYS A 526 -14.58 -20.69 -25.76
CA LYS A 526 -14.92 -19.53 -26.57
C LYS A 526 -14.15 -19.48 -27.88
N VAL A 527 -13.80 -20.63 -28.44
CA VAL A 527 -13.01 -20.73 -29.66
C VAL A 527 -13.90 -21.24 -30.78
N LYS A 528 -13.79 -20.62 -31.95
CA LYS A 528 -14.50 -21.06 -33.15
C LYS A 528 -13.50 -21.39 -34.23
N TYR A 529 -13.75 -22.50 -34.94
CA TYR A 529 -12.89 -22.97 -36.00
C TYR A 529 -13.65 -23.02 -37.32
N VAL A 530 -12.97 -22.63 -38.40
CA VAL A 530 -13.53 -22.66 -39.75
C VAL A 530 -12.66 -23.55 -40.60
N THR A 531 -13.27 -24.54 -41.24
CA THR A 531 -12.54 -25.46 -42.11
C THR A 531 -12.83 -25.16 -43.58
N PHE A 539 -17.75 -23.48 -33.31
CA PHE A 539 -17.70 -23.83 -31.90
C PHE A 539 -17.42 -25.33 -31.73
N LEU A 540 -16.59 -25.66 -30.75
CA LEU A 540 -16.20 -27.04 -30.51
C LEU A 540 -17.32 -27.83 -29.84
N SER A 541 -17.34 -29.13 -30.11
CA SER A 541 -18.18 -30.04 -29.36
C SER A 541 -17.39 -30.60 -28.18
N GLY A 542 -18.07 -31.40 -27.34
CA GLY A 542 -17.44 -31.90 -26.13
C GLY A 542 -16.31 -32.88 -26.39
N GLU A 543 -16.51 -33.79 -27.35
CA GLU A 543 -15.47 -34.76 -27.68
C GLU A 543 -14.24 -34.09 -28.26
N GLN A 544 -14.44 -33.05 -29.07
CA GLN A 544 -13.32 -32.28 -29.62
C GLN A 544 -12.53 -31.60 -28.51
N LYS A 545 -13.24 -31.01 -27.54
CA LYS A 545 -12.58 -30.35 -26.41
C LYS A 545 -11.80 -31.37 -25.57
N LYS A 546 -12.39 -32.53 -25.32
CA LYS A 546 -11.71 -33.57 -24.55
C LYS A 546 -10.48 -34.08 -25.27
N ALA A 547 -10.57 -34.26 -26.60
CA ALA A 547 -9.42 -34.71 -27.38
C ALA A 547 -8.30 -33.68 -27.38
N ILE A 548 -8.65 -32.40 -27.51
CA ILE A 548 -7.64 -31.34 -27.48
C ILE A 548 -6.95 -31.28 -26.12
N VAL A 549 -7.72 -31.38 -25.04
CA VAL A 549 -7.13 -31.29 -23.71
C VAL A 549 -6.27 -32.51 -23.42
N ASP A 550 -6.74 -33.71 -23.79
CA ASP A 550 -5.97 -34.93 -23.53
C ASP A 550 -4.75 -35.04 -24.42
N LEU A 551 -4.77 -34.41 -25.60
CA LEU A 551 -3.67 -34.55 -26.53
C LEU A 551 -2.61 -33.46 -26.38
N LEU A 552 -3.02 -32.23 -26.08
CA LEU A 552 -2.10 -31.09 -26.05
C LEU A 552 -1.96 -30.50 -24.67
N PHE A 553 -3.06 -30.23 -23.96
CA PHE A 553 -2.97 -29.56 -22.68
C PHE A 553 -2.34 -30.44 -21.61
N LYS A 554 -2.56 -31.74 -21.69
CA LYS A 554 -1.97 -32.69 -20.76
C LYS A 554 -0.67 -33.29 -21.27
N THR A 555 -0.04 -32.65 -22.25
CA THR A 555 1.24 -33.07 -22.81
C THR A 555 2.29 -31.98 -22.77
N ASN A 556 1.90 -30.73 -22.97
CA ASN A 556 2.81 -29.60 -22.87
C ASN A 556 2.12 -28.45 -22.15
N ARG A 557 2.91 -27.65 -21.43
CA ARG A 557 2.34 -26.51 -20.72
C ARG A 557 1.87 -25.43 -21.69
N LYS A 558 2.73 -25.07 -22.64
CA LYS A 558 2.43 -24.00 -23.58
C LYS A 558 1.83 -24.59 -24.85
N VAL A 559 0.63 -24.16 -25.20
CA VAL A 559 -0.05 -24.59 -26.42
C VAL A 559 -0.32 -23.36 -27.27
N THR A 560 0.21 -23.36 -28.49
CA THR A 560 0.00 -22.28 -29.44
C THR A 560 -0.96 -22.72 -30.54
N VAL A 561 -1.35 -21.76 -31.37
CA VAL A 561 -2.30 -22.06 -32.44
C VAL A 561 -1.66 -22.96 -33.50
N LYS A 562 -0.37 -22.74 -33.78
CA LYS A 562 0.31 -23.53 -34.81
C LYS A 562 0.45 -24.99 -34.40
N GLN A 563 0.80 -25.25 -33.14
CA GLN A 563 0.86 -26.61 -32.63
C GLN A 563 -0.51 -27.28 -32.68
N LEU A 564 -1.56 -26.51 -32.38
CA LEU A 564 -2.90 -27.07 -32.33
C LEU A 564 -3.39 -27.41 -33.73
N LYS A 565 -3.09 -26.57 -34.73
CA LYS A 565 -3.53 -26.87 -36.09
C LYS A 565 -2.66 -27.92 -36.76
N GLU A 566 -1.39 -28.04 -36.37
CA GLU A 566 -0.53 -29.05 -36.95
C GLU A 566 -0.69 -30.42 -36.31
N ASP A 567 -1.07 -30.47 -35.03
CA ASP A 567 -1.07 -31.72 -34.29
C ASP A 567 -2.45 -32.31 -34.02
N TYR A 568 -3.54 -31.56 -34.22
CA TYR A 568 -4.84 -32.11 -33.91
C TYR A 568 -5.73 -32.26 -35.15
N PHE A 569 -6.00 -31.17 -35.90
CA PHE A 569 -6.90 -31.33 -37.04
C PHE A 569 -6.24 -32.04 -38.20
N LYS A 570 -4.95 -31.77 -38.46
CA LYS A 570 -4.29 -32.46 -39.54
C LYS A 570 -4.00 -33.92 -39.17
N LYS A 571 -3.70 -34.17 -37.89
CA LYS A 571 -3.33 -35.53 -37.48
C LYS A 571 -4.56 -36.40 -37.22
N ILE A 572 -5.58 -35.87 -36.56
CA ILE A 572 -6.74 -36.64 -36.15
C ILE A 572 -7.95 -36.34 -37.03
N GLU A 573 -8.31 -35.07 -37.18
CA GLU A 573 -9.52 -34.69 -37.89
C GLU A 573 -9.34 -34.67 -39.41
N CYS A 574 -8.11 -34.83 -39.90
CA CYS A 574 -7.77 -34.82 -41.33
C CYS A 574 -8.21 -33.52 -42.01
N PHE A 575 -8.00 -32.40 -41.33
CA PHE A 575 -8.34 -31.08 -41.85
C PHE A 575 -7.05 -30.37 -42.27
N ASP A 576 -6.95 -30.05 -43.56
CA ASP A 576 -5.75 -29.42 -44.08
C ASP A 576 -5.66 -27.95 -43.69
N SER A 577 -6.74 -27.20 -43.82
CA SER A 577 -6.75 -25.76 -43.58
C SER A 577 -7.82 -25.42 -42.56
N VAL A 578 -7.39 -24.92 -41.40
CA VAL A 578 -8.29 -24.52 -40.31
C VAL A 578 -8.01 -23.07 -39.97
N GLU A 579 -9.06 -22.30 -39.79
CA GLU A 579 -8.98 -20.91 -39.36
C GLU A 579 -9.57 -20.78 -37.96
N ILE A 580 -8.79 -20.21 -37.04
CA ILE A 580 -9.16 -20.11 -35.63
C ILE A 580 -9.23 -18.64 -35.26
N SER A 581 -10.37 -18.23 -34.68
CA SER A 581 -10.58 -16.84 -34.29
C SER A 581 -10.73 -16.63 -32.80
N GLY A 582 -10.99 -17.69 -32.03
CA GLY A 582 -11.18 -17.53 -30.59
C GLY A 582 -9.91 -17.14 -29.87
N VAL A 583 -8.78 -17.73 -30.25
CA VAL A 583 -7.49 -17.48 -29.64
C VAL A 583 -6.53 -16.94 -30.69
N GLU A 584 -5.75 -15.93 -30.30
CA GLU A 584 -4.92 -15.23 -31.29
C GLU A 584 -3.64 -16.00 -31.57
N ASP A 585 -2.77 -16.13 -30.57
CA ASP A 585 -1.47 -16.74 -30.80
C ASP A 585 -1.18 -17.94 -29.92
N ARG A 586 -1.53 -17.91 -28.64
CA ARG A 586 -1.33 -19.07 -27.76
C ARG A 586 -2.30 -18.98 -26.59
N PHE A 587 -2.43 -20.10 -25.89
CA PHE A 587 -3.35 -20.23 -24.77
C PHE A 587 -2.68 -19.73 -23.50
N ASN A 588 -3.24 -18.68 -22.90
CA ASN A 588 -2.56 -18.02 -21.79
C ASN A 588 -2.63 -18.84 -20.51
N ALA A 589 -3.75 -19.52 -20.28
CA ALA A 589 -3.85 -20.43 -19.14
C ALA A 589 -3.25 -21.79 -19.49
N SER A 590 -2.80 -22.50 -18.47
CA SER A 590 -2.07 -23.74 -18.67
C SER A 590 -2.25 -24.66 -17.47
N LEU A 591 -1.96 -25.94 -17.68
CA LEU A 591 -2.02 -26.94 -16.62
C LEU A 591 -0.62 -27.11 -16.01
N GLY A 592 -0.17 -26.03 -15.37
CA GLY A 592 1.16 -26.05 -14.76
C GLY A 592 1.26 -27.02 -13.60
N THR A 593 0.24 -27.04 -12.74
CA THR A 593 0.25 -27.91 -11.56
C THR A 593 0.22 -29.38 -11.97
N TYR A 594 -0.58 -29.71 -12.99
CA TYR A 594 -0.66 -31.09 -13.46
C TYR A 594 0.69 -31.57 -13.97
N HIS A 595 1.38 -30.74 -14.76
CA HIS A 595 2.66 -31.16 -15.31
C HIS A 595 3.75 -31.16 -14.24
N ASP A 596 3.65 -30.28 -13.25
CA ASP A 596 4.60 -30.29 -12.14
C ASP A 596 4.49 -31.59 -11.34
N LEU A 597 3.26 -31.96 -10.95
CA LEU A 597 3.07 -33.24 -10.27
C LEU A 597 3.42 -34.42 -11.16
N LEU A 598 3.17 -34.32 -12.47
CA LEU A 598 3.56 -35.39 -13.38
C LEU A 598 5.07 -35.55 -13.44
N LYS A 599 5.80 -34.44 -13.37
CA LYS A 599 7.26 -34.50 -13.29
C LYS A 599 7.68 -35.15 -11.98
N ILE A 600 6.94 -34.87 -10.89
CA ILE A 600 7.33 -35.40 -9.58
C ILE A 600 7.08 -36.90 -9.50
N ILE A 601 5.83 -37.34 -9.62
CA ILE A 601 5.51 -38.74 -9.29
C ILE A 601 5.76 -39.65 -10.51
N LYS A 602 5.53 -39.15 -11.72
CA LYS A 602 5.70 -39.90 -12.98
C LYS A 602 4.84 -41.16 -13.00
N ASP A 603 3.57 -40.99 -12.64
CA ASP A 603 2.61 -42.08 -12.55
C ASP A 603 1.30 -41.63 -13.19
N LYS A 604 1.39 -41.22 -14.48
CA LYS A 604 0.41 -40.36 -15.14
C LYS A 604 -1.03 -40.84 -15.00
N ASP A 605 -1.25 -42.16 -15.07
CA ASP A 605 -2.62 -42.66 -14.97
C ASP A 605 -3.23 -42.47 -13.58
N PHE A 606 -2.41 -42.31 -12.54
CA PHE A 606 -2.94 -41.93 -11.23
C PHE A 606 -3.54 -40.53 -11.26
N LEU A 607 -2.95 -39.62 -12.02
CA LEU A 607 -3.47 -38.27 -12.13
C LEU A 607 -4.72 -38.19 -12.98
N ASP A 608 -4.97 -39.18 -13.83
CA ASP A 608 -6.13 -39.18 -14.70
C ASP A 608 -7.36 -39.84 -14.08
N ASN A 609 -7.24 -40.34 -12.85
CA ASN A 609 -8.37 -40.96 -12.16
C ASN A 609 -9.17 -39.91 -11.42
N GLU A 610 -10.49 -39.93 -11.62
CA GLU A 610 -11.36 -38.97 -10.95
C GLU A 610 -11.47 -39.23 -9.45
N GLU A 611 -11.11 -40.43 -8.99
CA GLU A 611 -11.15 -40.74 -7.57
C GLU A 611 -10.03 -40.08 -6.78
N ASN A 612 -8.99 -39.59 -7.45
CA ASN A 612 -7.84 -39.00 -6.79
C ASN A 612 -7.89 -37.48 -6.75
N GLU A 613 -9.02 -36.89 -7.15
CA GLU A 613 -9.15 -35.44 -7.16
C GLU A 613 -9.04 -34.86 -5.75
N ASP A 614 -9.69 -35.50 -4.78
CA ASP A 614 -9.71 -34.96 -3.42
C ASP A 614 -8.34 -35.09 -2.74
N ILE A 615 -7.65 -36.21 -2.93
CA ILE A 615 -6.33 -36.39 -2.32
C ILE A 615 -5.31 -35.44 -2.95
N LEU A 616 -5.35 -35.26 -4.28
CA LEU A 616 -4.45 -34.29 -4.89
C LEU A 616 -4.78 -32.86 -4.47
N GLU A 617 -6.07 -32.55 -4.32
CA GLU A 617 -6.46 -31.22 -3.86
C GLU A 617 -6.00 -30.98 -2.43
N ASP A 618 -6.05 -32.00 -1.58
CA ASP A 618 -5.52 -31.85 -0.23
C ASP A 618 -4.01 -31.63 -0.24
N ILE A 619 -3.30 -32.29 -1.17
CA ILE A 619 -1.86 -32.10 -1.28
C ILE A 619 -1.53 -30.66 -1.68
N VAL A 620 -2.17 -30.17 -2.75
CA VAL A 620 -1.89 -28.79 -3.19
C VAL A 620 -2.36 -27.78 -2.14
N LEU A 621 -3.44 -28.07 -1.42
CA LEU A 621 -3.87 -27.20 -0.33
C LEU A 621 -2.81 -27.15 0.77
N THR A 622 -2.19 -28.29 1.06
CA THR A 622 -1.12 -28.36 2.07
C THR A 622 0.07 -27.52 1.66
N LEU A 623 0.56 -27.68 0.43
CA LEU A 623 1.70 -26.84 0.03
C LEU A 623 1.32 -25.39 -0.23
N THR A 624 0.05 -25.08 -0.46
CA THR A 624 -0.33 -23.67 -0.58
C THR A 624 -0.35 -22.96 0.77
N LEU A 625 -0.87 -23.63 1.81
CA LEU A 625 -0.96 -22.95 3.10
C LEU A 625 0.40 -22.80 3.77
N PHE A 626 1.13 -23.90 3.94
CA PHE A 626 2.29 -23.93 4.80
C PHE A 626 3.58 -23.77 4.01
N GLU A 627 4.56 -23.13 4.65
CA GLU A 627 5.88 -22.92 4.08
C GLU A 627 6.98 -23.65 4.83
N ASP A 628 6.78 -23.94 6.11
CA ASP A 628 7.80 -24.60 6.92
C ASP A 628 7.74 -26.11 6.72
N ARG A 629 8.86 -26.76 7.05
CA ARG A 629 9.06 -28.16 6.69
C ARG A 629 8.22 -29.10 7.56
N GLU A 630 8.08 -28.78 8.84
CA GLU A 630 7.56 -29.75 9.81
C GLU A 630 6.09 -30.09 9.57
N MET A 631 5.23 -29.08 9.46
CA MET A 631 3.82 -29.37 9.27
C MET A 631 3.51 -29.84 7.86
N ILE A 632 4.30 -29.43 6.88
CA ILE A 632 4.20 -30.02 5.54
C ILE A 632 4.49 -31.50 5.60
N GLU A 633 5.54 -31.88 6.34
CA GLU A 633 5.89 -33.29 6.51
C GLU A 633 4.78 -34.05 7.23
N GLU A 634 4.22 -33.47 8.30
CA GLU A 634 3.17 -34.14 9.06
C GLU A 634 1.89 -34.31 8.24
N ARG A 635 1.53 -33.29 7.45
CA ARG A 635 0.21 -33.32 6.81
C ARG A 635 0.14 -34.32 5.65
N LEU A 636 1.25 -34.59 4.98
CA LEU A 636 1.24 -35.56 3.90
C LEU A 636 2.02 -36.83 4.23
N LYS A 637 2.39 -37.02 5.50
CA LYS A 637 2.90 -38.31 5.94
C LYS A 637 1.80 -39.38 5.93
N THR A 638 0.53 -38.95 5.94
CA THR A 638 -0.58 -39.88 5.78
C THR A 638 -0.51 -40.60 4.44
N TYR A 639 -0.04 -39.92 3.39
CA TYR A 639 -0.09 -40.44 2.04
C TYR A 639 1.17 -41.18 1.64
N ALA A 640 1.99 -41.59 2.62
CA ALA A 640 3.24 -42.28 2.33
C ALA A 640 3.03 -43.67 1.76
N HIS A 641 1.85 -44.26 1.93
CA HIS A 641 1.60 -45.58 1.37
C HIS A 641 1.15 -45.54 -0.09
N LEU A 642 0.82 -44.36 -0.62
CA LEU A 642 0.58 -44.25 -2.06
C LEU A 642 1.87 -44.38 -2.84
N PHE A 643 2.92 -43.69 -2.41
CA PHE A 643 4.20 -43.67 -3.11
C PHE A 643 5.30 -43.29 -2.13
N ASP A 644 6.53 -43.52 -2.54
CA ASP A 644 7.66 -43.73 -1.62
C ASP A 644 8.58 -42.52 -1.55
N ASP A 645 9.71 -42.70 -0.85
CA ASP A 645 10.54 -41.60 -0.40
C ASP A 645 11.17 -40.83 -1.56
N LYS A 646 11.40 -41.50 -2.70
CA LYS A 646 12.07 -40.87 -3.82
C LYS A 646 11.26 -39.70 -4.39
N VAL A 647 9.94 -39.74 -4.21
CA VAL A 647 9.10 -38.63 -4.61
C VAL A 647 8.71 -37.79 -3.41
N MET A 648 8.72 -38.37 -2.20
CA MET A 648 8.40 -37.62 -0.98
C MET A 648 9.42 -36.52 -0.73
N LYS A 649 10.70 -36.84 -0.88
CA LYS A 649 11.75 -35.86 -0.67
C LYS A 649 11.74 -34.76 -1.73
N GLN A 650 11.06 -34.98 -2.85
CA GLN A 650 10.95 -33.95 -3.88
C GLN A 650 9.71 -33.10 -3.70
N LEU A 651 8.55 -33.70 -3.41
CA LEU A 651 7.35 -32.90 -3.20
C LEU A 651 7.30 -32.24 -1.83
N LYS A 652 8.15 -32.64 -0.88
CA LYS A 652 8.23 -31.90 0.38
C LYS A 652 8.92 -30.56 0.24
N ARG A 653 9.61 -30.30 -0.88
CA ARG A 653 10.31 -29.05 -1.09
C ARG A 653 9.58 -28.11 -2.03
N ARG A 654 8.70 -28.62 -2.89
CA ARG A 654 7.93 -27.76 -3.78
C ARG A 654 6.91 -26.97 -2.97
N ARG A 655 6.77 -25.68 -3.30
CA ARG A 655 5.82 -24.81 -2.64
C ARG A 655 5.06 -23.98 -3.66
N TYR A 656 3.81 -23.69 -3.35
CA TYR A 656 2.97 -22.82 -4.15
C TYR A 656 2.58 -21.59 -3.33
N THR A 657 2.24 -20.52 -4.04
CA THR A 657 1.80 -19.28 -3.40
C THR A 657 0.60 -18.74 -4.16
N GLY A 658 -0.23 -17.98 -3.44
CA GLY A 658 -1.38 -17.35 -4.03
C GLY A 658 -2.66 -18.14 -3.78
N TRP A 659 -3.78 -17.48 -4.06
CA TRP A 659 -5.10 -18.06 -3.88
C TRP A 659 -5.99 -17.63 -5.03
N GLY A 660 -6.93 -18.51 -5.38
CA GLY A 660 -7.88 -18.23 -6.44
C GLY A 660 -8.99 -17.30 -5.97
N ARG A 661 -9.95 -17.12 -6.87
CA ARG A 661 -11.11 -16.27 -6.60
C ARG A 661 -12.40 -17.06 -6.46
N LEU A 662 -12.40 -18.33 -6.83
CA LEU A 662 -13.61 -19.14 -6.86
C LEU A 662 -13.44 -20.37 -5.98
N SER A 663 -14.56 -20.84 -5.43
CA SER A 663 -14.57 -21.97 -4.52
C SER A 663 -14.95 -23.25 -5.26
N ARG A 664 -14.74 -24.39 -4.57
CA ARG A 664 -15.07 -25.68 -5.17
C ARG A 664 -16.57 -25.84 -5.35
N LYS A 665 -17.36 -25.23 -4.46
CA LYS A 665 -18.82 -25.28 -4.52
C LYS A 665 -19.38 -24.57 -5.75
N LEU A 666 -18.57 -23.77 -6.45
CA LEU A 666 -18.98 -23.26 -7.75
C LEU A 666 -18.69 -24.27 -8.85
N ILE A 667 -17.44 -24.73 -8.96
CA ILE A 667 -16.95 -25.41 -10.16
C ILE A 667 -17.67 -26.74 -10.36
N ASN A 668 -17.70 -27.58 -9.33
CA ASN A 668 -18.40 -28.86 -9.41
C ASN A 668 -19.25 -28.99 -8.15
N GLY A 669 -20.04 -27.96 -7.88
CA GLY A 669 -20.86 -27.88 -6.69
C GLY A 669 -22.34 -27.94 -6.99
N ILE A 670 -22.98 -26.77 -7.02
CA ILE A 670 -24.42 -26.68 -7.27
C ILE A 670 -24.75 -27.15 -8.69
N ARG A 671 -25.99 -27.62 -8.86
CA ARG A 671 -26.41 -28.29 -10.08
C ARG A 671 -27.71 -27.68 -10.59
N ASP A 672 -27.81 -27.51 -11.91
CA ASP A 672 -29.03 -27.00 -12.53
C ASP A 672 -30.18 -27.98 -12.32
N LYS A 673 -31.38 -27.44 -12.12
CA LYS A 673 -32.54 -28.27 -11.84
C LYS A 673 -33.02 -28.99 -13.10
N GLN A 674 -33.05 -28.29 -14.24
CA GLN A 674 -33.53 -28.87 -15.49
C GLN A 674 -32.44 -29.63 -16.23
N SER A 675 -31.31 -28.97 -16.49
CA SER A 675 -30.24 -29.61 -17.26
C SER A 675 -29.52 -30.67 -16.44
N GLY A 676 -29.40 -30.48 -15.13
CA GLY A 676 -28.67 -31.41 -14.31
C GLY A 676 -27.16 -31.30 -14.44
N LYS A 677 -26.65 -30.11 -14.73
CA LYS A 677 -25.24 -29.91 -15.03
C LYS A 677 -24.70 -28.78 -14.16
N THR A 678 -23.48 -28.97 -13.65
CA THR A 678 -22.76 -27.91 -12.96
C THR A 678 -22.18 -26.93 -13.98
N ILE A 679 -21.49 -25.90 -13.48
CA ILE A 679 -20.75 -24.98 -14.36
C ILE A 679 -19.80 -25.77 -15.25
N LEU A 680 -18.90 -26.53 -14.64
CA LEU A 680 -17.89 -27.27 -15.38
C LEU A 680 -18.52 -28.32 -16.29
N ASP A 681 -19.67 -28.87 -15.91
CA ASP A 681 -20.39 -29.78 -16.78
C ASP A 681 -20.89 -29.07 -18.03
N PHE A 682 -21.37 -27.82 -17.90
CA PHE A 682 -21.66 -27.02 -19.09
C PHE A 682 -20.41 -26.74 -19.91
N LEU A 683 -19.28 -26.49 -19.24
CA LEU A 683 -18.04 -26.30 -20.00
C LEU A 683 -17.59 -27.57 -20.70
N LYS A 684 -18.01 -28.76 -20.23
CA LYS A 684 -17.72 -29.99 -20.97
C LYS A 684 -18.45 -30.00 -22.30
N SER A 685 -19.76 -29.75 -22.27
CA SER A 685 -20.57 -29.72 -23.48
C SER A 685 -21.71 -28.72 -23.28
N ASP A 686 -21.95 -27.91 -24.30
CA ASP A 686 -23.05 -26.94 -24.25
C ASP A 686 -23.82 -26.94 -25.57
N GLY A 687 -23.78 -28.03 -26.31
CA GLY A 687 -24.45 -28.07 -27.60
C GLY A 687 -23.67 -27.29 -28.64
N PHE A 688 -24.42 -26.65 -29.54
CA PHE A 688 -23.80 -25.85 -30.59
C PHE A 688 -23.23 -24.56 -30.02
N ALA A 689 -24.08 -23.74 -29.41
CA ALA A 689 -23.68 -22.43 -28.88
C ALA A 689 -23.03 -22.61 -27.52
N ASN A 690 -21.70 -22.69 -27.52
CA ASN A 690 -20.96 -22.74 -26.27
C ASN A 690 -21.05 -21.39 -25.56
N ARG A 691 -21.09 -21.44 -24.24
CA ARG A 691 -21.29 -20.23 -23.44
C ARG A 691 -20.36 -20.26 -22.23
N ASN A 692 -19.95 -19.07 -21.81
CA ASN A 692 -18.87 -18.91 -20.84
C ASN A 692 -19.40 -18.87 -19.40
N PHE A 693 -18.45 -18.81 -18.46
CA PHE A 693 -18.72 -18.86 -17.03
C PHE A 693 -19.64 -17.72 -16.57
N MET A 694 -19.18 -16.48 -16.76
CA MET A 694 -19.99 -15.32 -16.40
C MET A 694 -21.27 -15.27 -17.25
N GLN A 695 -21.23 -15.87 -18.45
CA GLN A 695 -22.45 -16.03 -19.23
C GLN A 695 -23.40 -17.04 -18.59
N LEU A 696 -22.86 -18.10 -18.00
CA LEU A 696 -23.69 -19.05 -17.24
C LEU A 696 -24.29 -18.40 -16.00
N ILE A 697 -23.54 -17.50 -15.36
CA ILE A 697 -24.09 -16.79 -14.20
C ILE A 697 -25.19 -15.83 -14.64
N HIS A 698 -24.96 -15.08 -15.72
CA HIS A 698 -25.86 -14.01 -16.12
C HIS A 698 -27.14 -14.52 -16.76
N ASP A 699 -27.15 -15.74 -17.29
CA ASP A 699 -28.32 -16.27 -17.99
C ASP A 699 -29.42 -16.52 -16.96
N ASP A 700 -30.57 -15.86 -17.13
CA ASP A 700 -31.67 -15.99 -16.19
C ASP A 700 -32.50 -17.25 -16.42
N SER A 701 -32.34 -17.90 -17.57
CA SER A 701 -33.08 -19.14 -17.83
C SER A 701 -32.62 -20.26 -16.91
N LEU A 702 -31.32 -20.31 -16.61
CA LEU A 702 -30.79 -21.29 -15.68
C LEU A 702 -31.02 -20.84 -14.24
N THR A 703 -31.16 -21.82 -13.35
CA THR A 703 -31.36 -21.60 -11.92
C THR A 703 -30.05 -21.25 -11.20
N PHE A 704 -28.97 -20.95 -11.92
CA PHE A 704 -27.69 -20.70 -11.30
C PHE A 704 -27.69 -19.35 -10.59
N LYS A 705 -28.25 -18.33 -11.25
CA LYS A 705 -28.34 -16.99 -10.68
C LYS A 705 -29.19 -16.98 -9.42
N GLU A 706 -30.34 -17.66 -9.43
CA GLU A 706 -31.21 -17.64 -8.26
C GLU A 706 -30.56 -18.37 -7.09
N ASP A 707 -29.80 -19.44 -7.36
CA ASP A 707 -29.04 -20.11 -6.31
C ASP A 707 -27.93 -19.22 -5.76
N ILE A 708 -27.34 -18.38 -6.61
CA ILE A 708 -26.33 -17.44 -6.12
C ILE A 708 -26.97 -16.42 -5.19
N GLN A 709 -28.08 -15.82 -5.62
CA GLN A 709 -28.69 -14.73 -4.84
C GLN A 709 -29.36 -15.21 -3.55
N LYS A 710 -29.96 -16.42 -3.49
CA LYS A 710 -30.57 -16.76 -2.20
C LYS A 710 -29.54 -17.10 -1.14
N ALA A 711 -28.33 -17.50 -1.54
CA ALA A 711 -27.27 -17.81 -0.60
C ALA A 711 -26.31 -16.65 -0.39
N GLN A 712 -26.60 -15.49 -0.98
CA GLN A 712 -25.76 -14.31 -0.75
C GLN A 712 -25.87 -13.81 0.69
N VAL A 713 -27.06 -13.86 1.25
CA VAL A 713 -27.26 -13.42 2.63
C VAL A 713 -26.73 -14.50 3.58
N SER A 714 -26.04 -14.05 4.63
CA SER A 714 -25.47 -14.97 5.60
C SER A 714 -26.35 -15.06 6.85
N SER A 719 -27.35 -2.96 15.93
CA SER A 719 -26.93 -1.57 15.76
C SER A 719 -26.36 -1.35 14.36
N LEU A 720 -26.18 -0.07 14.00
CA LEU A 720 -25.63 0.27 12.70
C LEU A 720 -24.15 -0.08 12.62
N HIS A 721 -23.38 0.28 13.65
CA HIS A 721 -21.95 -0.01 13.67
C HIS A 721 -21.67 -1.50 13.74
N GLU A 722 -22.55 -2.27 14.39
CA GLU A 722 -22.44 -3.73 14.34
C GLU A 722 -22.71 -4.26 12.95
N HIS A 723 -23.58 -3.60 12.19
CA HIS A 723 -23.83 -4.03 10.80
C HIS A 723 -22.69 -3.62 9.89
N ILE A 724 -21.94 -2.58 10.25
CA ILE A 724 -20.75 -2.20 9.48
C ILE A 724 -19.54 -3.06 9.86
N ALA A 725 -19.49 -3.55 11.11
CA ALA A 725 -18.33 -4.26 11.65
C ALA A 725 -17.99 -5.57 10.92
N ASN A 726 -18.82 -6.02 9.97
CA ASN A 726 -18.54 -7.23 9.22
C ASN A 726 -18.49 -7.01 7.70
N LEU A 727 -18.53 -5.76 7.24
CA LEU A 727 -18.63 -5.49 5.82
C LEU A 727 -17.28 -5.69 5.12
N ALA A 728 -17.35 -5.77 3.79
CA ALA A 728 -16.18 -6.02 2.96
C ALA A 728 -16.07 -4.97 1.86
N GLY A 729 -14.83 -4.72 1.42
CA GLY A 729 -14.56 -3.78 0.35
C GLY A 729 -13.37 -2.88 0.60
N SER A 730 -13.05 -2.04 -0.40
CA SER A 730 -11.91 -1.13 -0.33
C SER A 730 -12.00 -0.16 0.85
N PRO A 731 -10.93 -0.01 1.63
CA PRO A 731 -11.01 0.80 2.86
C PRO A 731 -11.31 2.27 2.61
N ALA A 732 -10.98 2.79 1.43
CA ALA A 732 -11.21 4.19 1.13
C ALA A 732 -12.69 4.46 0.87
N ILE A 733 -13.37 3.55 0.17
CA ILE A 733 -14.77 3.76 -0.15
C ILE A 733 -15.71 3.25 0.93
N LYS A 734 -15.21 2.40 1.85
CA LYS A 734 -16.00 1.97 3.00
C LYS A 734 -16.43 3.17 3.83
N LYS A 735 -15.51 4.13 3.98
CA LYS A 735 -15.83 5.39 4.63
C LYS A 735 -16.93 6.13 3.86
N GLY A 736 -16.85 6.14 2.53
CA GLY A 736 -17.89 6.81 1.75
C GLY A 736 -19.27 6.18 1.93
N ILE A 737 -19.34 4.85 1.95
CA ILE A 737 -20.62 4.19 2.18
C ILE A 737 -21.15 4.50 3.58
N LEU A 738 -20.30 4.45 4.60
CA LEU A 738 -20.78 4.73 5.95
C LEU A 738 -21.26 6.17 6.10
N GLN A 739 -20.49 7.12 5.56
CA GLN A 739 -20.92 8.52 5.64
C GLN A 739 -22.18 8.77 4.82
N THR A 740 -22.37 8.09 3.69
CA THR A 740 -23.59 8.31 2.93
C THR A 740 -24.80 7.69 3.62
N VAL A 741 -24.60 6.61 4.39
CA VAL A 741 -25.69 6.08 5.21
C VAL A 741 -26.08 7.08 6.28
N LYS A 742 -25.09 7.68 6.96
CA LYS A 742 -25.39 8.67 7.98
C LYS A 742 -26.06 9.92 7.38
N VAL A 743 -25.64 10.31 6.18
CA VAL A 743 -26.25 11.45 5.50
C VAL A 743 -27.71 11.16 5.15
N VAL A 744 -27.99 9.98 4.61
CA VAL A 744 -29.37 9.62 4.28
C VAL A 744 -30.23 9.57 5.54
N ASP A 745 -29.68 9.03 6.64
CA ASP A 745 -30.44 8.97 7.89
C ASP A 745 -30.74 10.37 8.41
N GLU A 746 -29.78 11.29 8.35
CA GLU A 746 -30.02 12.64 8.84
C GLU A 746 -30.98 13.40 7.93
N LEU A 747 -30.92 13.16 6.61
CA LEU A 747 -31.89 13.81 5.72
C LEU A 747 -33.30 13.29 5.92
N VAL A 748 -33.46 12.00 6.25
CA VAL A 748 -34.77 11.50 6.66
C VAL A 748 -35.21 12.15 7.96
N LYS A 749 -34.27 12.35 8.88
CA LYS A 749 -34.56 13.02 10.15
C LYS A 749 -35.03 14.46 9.95
N VAL A 750 -34.47 15.14 8.94
CA VAL A 750 -34.78 16.55 8.72
C VAL A 750 -36.23 16.75 8.30
N MET A 751 -36.68 16.02 7.29
CA MET A 751 -37.98 16.33 6.70
C MET A 751 -39.13 15.57 7.37
N GLY A 752 -39.22 15.68 8.69
CA GLY A 752 -40.34 15.12 9.42
C GLY A 752 -40.47 13.62 9.37
N ARG A 753 -39.34 12.90 9.35
CA ARG A 753 -39.26 11.44 9.39
C ARG A 753 -39.93 10.76 8.20
N HIS A 754 -40.25 11.50 7.15
CA HIS A 754 -40.88 10.91 5.97
C HIS A 754 -39.83 10.29 5.06
N LYS A 755 -40.07 9.05 4.64
CA LYS A 755 -39.14 8.34 3.78
C LYS A 755 -39.23 8.85 2.36
N PRO A 756 -38.13 8.82 1.60
CA PRO A 756 -38.17 9.24 0.20
C PRO A 756 -38.94 8.26 -0.66
N GLU A 757 -39.34 8.72 -1.85
CA GLU A 757 -39.94 7.80 -2.80
C GLU A 757 -38.87 6.97 -3.53
N ASN A 758 -37.71 7.55 -3.80
CA ASN A 758 -36.63 6.83 -4.46
C ASN A 758 -35.30 7.53 -4.20
N ILE A 759 -34.24 6.75 -4.16
CA ILE A 759 -32.89 7.21 -3.86
C ILE A 759 -31.98 6.80 -5.01
N VAL A 760 -31.16 7.72 -5.51
CA VAL A 760 -30.31 7.49 -6.67
C VAL A 760 -28.86 7.37 -6.22
N ILE A 761 -28.23 6.26 -6.58
CA ILE A 761 -26.84 5.95 -6.20
C ILE A 761 -25.99 5.90 -7.47
N GLU A 762 -24.84 6.56 -7.42
CA GLU A 762 -23.88 6.59 -8.52
C GLU A 762 -23.11 5.27 -8.64
N MET A 763 -22.49 5.09 -9.80
CA MET A 763 -21.48 4.03 -9.99
C MET A 763 -20.13 4.63 -10.33
N GLN A 926 -22.54 -3.28 -13.47
CA GLN A 926 -21.24 -3.92 -13.61
C GLN A 926 -20.49 -3.90 -12.27
N ILE A 927 -20.54 -2.75 -11.60
CA ILE A 927 -19.87 -2.59 -10.32
C ILE A 927 -20.74 -3.22 -9.23
N THR A 928 -20.11 -4.03 -8.37
CA THR A 928 -20.83 -4.71 -7.29
C THR A 928 -21.19 -3.68 -6.21
N LYS A 929 -22.33 -3.02 -6.44
CA LYS A 929 -22.83 -2.00 -5.52
C LYS A 929 -23.65 -2.66 -4.41
N HIS A 930 -22.95 -3.06 -3.35
CA HIS A 930 -23.60 -3.55 -2.14
C HIS A 930 -24.18 -2.40 -1.31
N VAL A 931 -23.82 -1.15 -1.64
CA VAL A 931 -24.34 0.01 -0.94
C VAL A 931 -25.85 0.13 -1.17
N ALA A 932 -26.31 -0.21 -2.38
CA ALA A 932 -27.74 -0.26 -2.65
C ALA A 932 -28.43 -1.31 -1.81
N GLN A 933 -27.78 -2.47 -1.61
CA GLN A 933 -28.32 -3.50 -0.73
C GLN A 933 -28.45 -2.98 0.69
N ILE A 934 -27.43 -2.27 1.17
CA ILE A 934 -27.43 -1.72 2.52
C ILE A 934 -28.56 -0.71 2.69
N LEU A 935 -28.69 0.23 1.73
CA LEU A 935 -29.73 1.24 1.83
C LEU A 935 -31.13 0.64 1.69
N ASP A 936 -31.29 -0.36 0.82
CA ASP A 936 -32.58 -1.03 0.67
C ASP A 936 -32.96 -1.76 1.95
N SER A 937 -31.98 -2.38 2.62
CA SER A 937 -32.26 -3.07 3.86
C SER A 937 -32.61 -2.10 4.98
N ARG A 938 -31.95 -0.93 5.02
CA ARG A 938 -32.26 0.03 6.08
C ARG A 938 -33.58 0.74 5.86
N MET A 939 -33.94 1.05 4.62
CA MET A 939 -35.17 1.81 4.41
C MET A 939 -36.40 0.91 4.41
N ASN A 940 -36.36 -0.20 3.67
CA ASN A 940 -37.47 -1.12 3.59
C ASN A 940 -37.34 -2.15 4.71
N THR A 941 -38.12 -1.97 5.77
CA THR A 941 -38.08 -2.86 6.93
C THR A 941 -39.41 -3.58 7.15
N LYS A 942 -40.32 -3.54 6.18
CA LYS A 942 -41.63 -4.16 6.31
C LYS A 942 -41.82 -5.23 5.25
N TYR A 943 -42.57 -6.27 5.61
CA TYR A 943 -42.83 -7.38 4.71
C TYR A 943 -44.16 -8.02 5.08
N ASP A 944 -44.67 -8.83 4.16
CA ASP A 944 -45.97 -9.49 4.33
C ASP A 944 -45.80 -11.00 4.16
N GLU A 945 -46.92 -11.71 4.31
CA GLU A 945 -46.89 -13.16 4.14
C GLU A 945 -46.74 -13.56 2.67
N ASN A 946 -47.31 -12.77 1.76
CA ASN A 946 -47.19 -13.02 0.33
C ASN A 946 -46.14 -12.16 -0.34
N ASP A 947 -45.96 -10.92 0.11
CA ASP A 947 -44.92 -10.04 -0.39
C ASP A 947 -43.68 -10.19 0.47
N LYS A 948 -42.57 -10.63 -0.14
CA LYS A 948 -41.36 -10.88 0.62
C LYS A 948 -40.72 -9.60 1.12
N LEU A 949 -40.93 -8.49 0.42
CA LEU A 949 -40.44 -7.19 0.85
C LEU A 949 -41.27 -6.11 0.19
N ILE A 950 -41.64 -5.09 0.97
CA ILE A 950 -42.45 -3.98 0.47
C ILE A 950 -41.51 -2.87 0.01
N ARG A 951 -41.64 -2.47 -1.26
CA ARG A 951 -40.76 -1.45 -1.84
C ARG A 951 -41.27 -0.06 -1.49
N GLU A 952 -41.08 0.29 -0.22
CA GLU A 952 -41.40 1.66 0.22
C GLU A 952 -40.42 2.66 -0.38
N VAL A 953 -39.14 2.33 -0.37
CA VAL A 953 -38.08 3.17 -0.91
C VAL A 953 -37.36 2.38 -1.99
N LYS A 954 -37.21 2.98 -3.16
CA LYS A 954 -36.61 2.31 -4.32
C LYS A 954 -35.23 2.88 -4.56
N VAL A 955 -34.20 2.15 -4.14
CA VAL A 955 -32.82 2.56 -4.36
C VAL A 955 -32.49 2.34 -5.83
N ILE A 956 -32.30 3.43 -6.57
CA ILE A 956 -32.05 3.37 -8.00
C ILE A 956 -30.54 3.53 -8.21
N THR A 957 -29.95 2.61 -8.96
CA THR A 957 -28.52 2.63 -9.23
C THR A 957 -28.29 3.14 -10.65
N LEU A 958 -27.49 4.20 -10.77
CA LEU A 958 -27.17 4.79 -12.06
C LEU A 958 -25.67 4.79 -12.30
N LYS A 959 -25.29 4.78 -13.57
CA LYS A 959 -23.89 4.86 -13.96
C LYS A 959 -23.49 6.31 -14.23
N SER A 960 -22.22 6.61 -13.97
CA SER A 960 -21.70 7.96 -14.16
C SER A 960 -21.63 8.38 -15.62
N LYS A 961 -21.65 7.41 -16.54
CA LYS A 961 -21.58 7.70 -17.96
C LYS A 961 -22.81 8.51 -18.39
N LEU A 962 -23.99 8.12 -17.89
CA LEU A 962 -25.24 8.79 -18.25
C LEU A 962 -25.24 10.25 -17.79
N VAL A 963 -24.85 10.48 -16.55
CA VAL A 963 -24.89 11.84 -15.99
C VAL A 963 -23.79 12.71 -16.60
N SER A 964 -22.61 12.12 -16.86
CA SER A 964 -21.55 12.87 -17.53
C SER A 964 -21.97 13.25 -18.95
N ASP A 965 -22.63 12.35 -19.66
CA ASP A 965 -23.15 12.66 -20.99
C ASP A 965 -24.21 13.76 -20.90
N PHE A 966 -25.09 13.67 -19.89
CA PHE A 966 -26.13 14.69 -19.68
C PHE A 966 -25.53 16.06 -19.43
N ARG A 967 -24.46 16.13 -18.65
CA ARG A 967 -23.74 17.39 -18.46
C ARG A 967 -23.15 17.86 -19.78
N LYS A 968 -22.65 16.94 -20.59
CA LYS A 968 -21.91 17.33 -21.78
C LYS A 968 -22.83 17.88 -22.87
N ASP A 969 -24.02 17.30 -23.06
CA ASP A 969 -24.77 17.66 -24.26
C ASP A 969 -25.70 18.86 -24.05
N PHE A 970 -26.14 19.12 -22.82
CA PHE A 970 -27.02 20.24 -22.50
C PHE A 970 -26.32 21.34 -21.72
N GLN A 971 -25.01 21.50 -21.93
CA GLN A 971 -24.24 22.68 -21.54
C GLN A 971 -24.17 22.90 -20.04
N PHE A 972 -24.42 21.88 -19.24
CA PHE A 972 -24.28 21.99 -17.79
C PHE A 972 -22.93 21.42 -17.34
N TYR A 973 -21.87 22.08 -17.78
CA TYR A 973 -20.53 21.56 -17.53
C TYR A 973 -20.08 21.86 -16.10
N LYS A 974 -18.93 21.28 -15.75
CA LYS A 974 -18.41 21.32 -14.39
C LYS A 974 -16.89 21.24 -14.45
N VAL A 975 -16.23 21.86 -13.47
CA VAL A 975 -14.79 21.75 -13.30
C VAL A 975 -14.52 21.43 -11.83
N ARG A 976 -13.31 20.93 -11.56
CA ARG A 976 -12.92 20.60 -10.20
C ARG A 976 -12.23 21.76 -9.47
N GLU A 977 -11.78 22.77 -10.20
CA GLU A 977 -10.86 23.75 -9.62
C GLU A 977 -11.54 24.95 -8.99
N ILE A 978 -12.77 25.27 -9.39
CA ILE A 978 -13.41 26.49 -8.90
C ILE A 978 -13.85 26.32 -7.45
N ASN A 979 -14.66 25.29 -7.18
CA ASN A 979 -15.16 25.02 -5.84
C ASN A 979 -15.61 23.57 -5.75
N ASN A 980 -15.94 23.15 -4.54
CA ASN A 980 -16.50 21.83 -4.30
C ASN A 980 -18.02 21.81 -4.41
N TYR A 981 -18.62 22.75 -5.15
CA TYR A 981 -20.03 22.67 -5.47
C TYR A 981 -20.33 21.56 -6.47
N HIS A 982 -19.32 21.06 -7.17
CA HIS A 982 -19.55 20.06 -8.22
C HIS A 982 -20.03 18.74 -7.64
N HIS A 983 -19.67 18.42 -6.39
CA HIS A 983 -20.17 17.20 -5.77
C HIS A 983 -21.67 17.27 -5.54
N ALA A 984 -22.15 18.38 -4.95
CA ALA A 984 -23.58 18.55 -4.72
C ALA A 984 -24.33 18.67 -6.04
N HIS A 985 -23.75 19.34 -7.02
CA HIS A 985 -24.37 19.44 -8.33
C HIS A 985 -24.48 18.07 -9.00
N ASP A 986 -23.44 17.25 -8.87
CA ASP A 986 -23.49 15.88 -9.39
C ASP A 986 -24.57 15.06 -8.70
N ALA A 987 -24.69 15.21 -7.38
CA ALA A 987 -25.73 14.48 -6.65
C ALA A 987 -27.11 14.90 -7.09
N TYR A 988 -27.33 16.20 -7.26
CA TYR A 988 -28.64 16.69 -7.70
C TYR A 988 -28.95 16.23 -9.12
N LEU A 989 -27.93 16.20 -9.99
CA LEU A 989 -28.15 15.72 -11.35
C LEU A 989 -28.42 14.23 -11.39
N ASN A 990 -27.76 13.46 -10.52
CA ASN A 990 -28.10 12.04 -10.36
C ASN A 990 -29.55 11.88 -9.97
N ALA A 991 -30.01 12.69 -9.00
CA ALA A 991 -31.40 12.63 -8.58
C ALA A 991 -32.36 12.96 -9.72
N VAL A 992 -32.04 14.00 -10.51
CA VAL A 992 -32.94 14.43 -11.57
C VAL A 992 -33.04 13.38 -12.67
N VAL A 993 -31.88 12.87 -13.14
CA VAL A 993 -31.90 11.89 -14.21
C VAL A 993 -32.49 10.57 -13.74
N GLY A 994 -32.21 10.17 -12.49
CA GLY A 994 -32.79 8.94 -11.97
C GLY A 994 -34.30 9.02 -11.85
N THR A 995 -34.82 10.13 -11.32
CA THR A 995 -36.26 10.29 -11.18
C THR A 995 -36.94 10.34 -12.55
N ALA A 996 -36.34 11.05 -13.50
CA ALA A 996 -36.90 11.10 -14.85
C ALA A 996 -36.85 9.72 -15.52
N LEU A 997 -35.79 8.94 -15.26
CA LEU A 997 -35.68 7.63 -15.88
C LEU A 997 -36.68 6.65 -15.32
N ILE A 998 -36.89 6.64 -14.00
CA ILE A 998 -37.87 5.71 -13.45
C ILE A 998 -39.29 6.13 -13.80
N LYS A 999 -39.55 7.43 -13.83
CA LYS A 999 -40.90 7.90 -14.10
C LYS A 999 -41.25 7.81 -15.58
N LYS A 1000 -40.25 7.85 -16.48
CA LYS A 1000 -40.51 7.81 -17.92
C LYS A 1000 -40.75 6.39 -18.42
N TYR A 1001 -39.89 5.45 -18.05
CA TYR A 1001 -40.05 4.02 -18.37
C TYR A 1001 -40.25 3.24 -17.07
N PRO A 1002 -41.50 3.03 -16.66
CA PRO A 1002 -41.75 2.18 -15.48
C PRO A 1002 -41.39 0.72 -15.67
N LYS A 1003 -41.27 0.24 -16.92
CA LYS A 1003 -41.00 -1.17 -17.15
C LYS A 1003 -39.52 -1.53 -17.02
N LEU A 1004 -38.62 -0.55 -16.97
CA LEU A 1004 -37.23 -0.80 -16.66
C LEU A 1004 -36.93 -0.64 -15.17
N GLU A 1005 -37.97 -0.69 -14.33
CA GLU A 1005 -37.82 -0.54 -12.88
C GLU A 1005 -36.98 -1.68 -12.31
N SER A 1006 -37.25 -2.92 -12.71
CA SER A 1006 -36.44 -4.03 -12.27
C SER A 1006 -35.03 -3.98 -12.84
N GLU A 1007 -34.83 -3.28 -13.96
CA GLU A 1007 -33.49 -3.09 -14.50
C GLU A 1007 -32.70 -2.08 -13.70
N PHE A 1008 -33.34 -1.03 -13.19
CA PHE A 1008 -32.62 0.02 -12.47
C PHE A 1008 -32.71 -0.09 -10.95
N VAL A 1009 -33.86 -0.43 -10.40
CA VAL A 1009 -34.00 -0.56 -8.95
C VAL A 1009 -33.39 -1.90 -8.53
N TYR A 1010 -32.59 -1.88 -7.47
CA TYR A 1010 -31.98 -3.11 -6.98
C TYR A 1010 -33.05 -4.10 -6.51
N GLY A 1011 -32.85 -5.38 -6.84
CA GLY A 1011 -33.76 -6.42 -6.45
C GLY A 1011 -34.40 -7.15 -7.62
N ILE A 1042 -31.60 5.24 -24.62
CA ILE A 1042 -32.05 5.41 -23.25
C ILE A 1042 -31.87 6.88 -22.85
N MET A 1043 -31.02 7.57 -23.62
CA MET A 1043 -30.71 8.99 -23.43
C MET A 1043 -31.55 9.90 -24.33
N ASN A 1044 -32.03 9.39 -25.46
CA ASN A 1044 -32.57 10.20 -26.54
C ASN A 1044 -33.90 10.88 -26.23
N PHE A 1045 -34.59 10.51 -25.15
CA PHE A 1045 -35.87 11.17 -24.88
C PHE A 1045 -35.69 12.54 -24.25
N PHE A 1046 -34.50 12.87 -23.75
CA PHE A 1046 -34.25 14.19 -23.19
C PHE A 1046 -34.10 15.26 -24.27
N LYS A 1047 -33.49 14.89 -25.41
CA LYS A 1047 -33.28 15.83 -26.50
C LYS A 1047 -34.55 16.02 -27.31
N PRO A 1061 -41.12 15.10 -29.59
CA PRO A 1061 -41.92 16.20 -29.07
C PRO A 1061 -41.12 17.09 -28.11
N LEU A 1062 -41.47 18.37 -28.03
CA LEU A 1062 -40.82 19.26 -27.07
C LEU A 1062 -41.27 18.98 -25.65
N ILE A 1063 -42.44 18.37 -25.47
CA ILE A 1063 -42.92 17.95 -24.16
C ILE A 1063 -43.04 16.44 -24.16
N GLU A 1064 -42.38 15.78 -23.21
CA GLU A 1064 -42.40 14.33 -23.08
C GLU A 1064 -43.44 13.90 -22.06
N THR A 1065 -44.03 12.73 -22.28
CA THR A 1065 -45.05 12.16 -21.41
C THR A 1065 -44.66 10.74 -21.04
N ASN A 1066 -45.48 10.11 -20.19
CA ASN A 1066 -45.19 8.75 -19.77
C ASN A 1066 -45.42 7.74 -20.89
N GLY A 1067 -46.36 8.04 -21.79
CA GLY A 1067 -46.69 7.13 -22.87
C GLY A 1067 -47.83 6.21 -22.54
N GLU A 1068 -47.63 5.34 -21.55
CA GLU A 1068 -48.72 4.47 -21.08
C GLU A 1068 -49.73 5.28 -20.28
N THR A 1069 -49.28 6.33 -19.60
CA THR A 1069 -50.12 7.18 -18.77
C THR A 1069 -49.95 8.63 -19.24
N GLY A 1070 -50.96 9.45 -18.94
CA GLY A 1070 -50.91 10.85 -19.29
C GLY A 1070 -50.09 11.73 -18.37
N GLU A 1071 -49.43 11.14 -17.38
CA GLU A 1071 -48.57 11.89 -16.46
C GLU A 1071 -47.37 12.47 -17.20
N ILE A 1072 -47.05 13.72 -16.91
CA ILE A 1072 -46.03 14.47 -17.64
C ILE A 1072 -44.70 14.27 -16.91
N VAL A 1073 -43.70 13.75 -17.63
CA VAL A 1073 -42.46 13.36 -16.99
C VAL A 1073 -41.32 14.33 -17.24
N TRP A 1074 -41.36 15.10 -18.32
CA TRP A 1074 -40.27 16.01 -18.67
C TRP A 1074 -40.77 16.98 -19.72
N ASP A 1075 -40.58 18.26 -19.49
CA ASP A 1075 -40.74 19.27 -20.52
C ASP A 1075 -39.36 19.90 -20.75
N LYS A 1076 -39.10 20.26 -22.00
CA LYS A 1076 -37.88 20.99 -22.35
C LYS A 1076 -38.00 22.48 -22.07
N GLY A 1077 -38.99 22.88 -21.26
CA GLY A 1077 -39.19 24.27 -20.91
C GLY A 1077 -38.73 24.57 -19.50
N ARG A 1078 -39.66 24.64 -18.55
CA ARG A 1078 -39.34 25.19 -17.23
C ARG A 1078 -38.46 24.26 -16.40
N ASP A 1079 -38.37 22.97 -16.74
CA ASP A 1079 -37.42 22.10 -16.06
C ASP A 1079 -35.98 22.47 -16.38
N PHE A 1080 -35.71 22.87 -17.62
CA PHE A 1080 -34.37 23.36 -17.97
C PHE A 1080 -34.03 24.63 -17.21
N ALA A 1081 -34.99 25.56 -17.10
CA ALA A 1081 -34.76 26.77 -16.33
C ALA A 1081 -34.56 26.46 -14.85
N THR A 1082 -35.32 25.50 -14.32
CA THR A 1082 -35.16 25.10 -12.92
C THR A 1082 -33.79 24.48 -12.67
N VAL A 1083 -33.35 23.58 -13.54
CA VAL A 1083 -32.05 22.94 -13.35
C VAL A 1083 -30.92 23.95 -13.56
N ARG A 1084 -31.10 24.93 -14.44
CA ARG A 1084 -30.06 25.94 -14.62
C ARG A 1084 -30.02 26.89 -13.43
N LYS A 1085 -31.17 27.16 -12.82
CA LYS A 1085 -31.21 27.95 -11.58
C LYS A 1085 -30.51 27.22 -10.44
N VAL A 1086 -30.74 25.91 -10.33
CA VAL A 1086 -30.11 25.14 -9.26
C VAL A 1086 -28.60 25.03 -9.46
N LEU A 1087 -28.17 24.83 -10.71
CA LEU A 1087 -26.74 24.88 -11.01
C LEU A 1087 -26.12 26.26 -10.79
N SER A 1088 -26.92 27.33 -10.78
CA SER A 1088 -26.43 28.68 -10.53
C SER A 1088 -26.86 29.20 -9.17
N MET A 1089 -27.04 28.30 -8.20
CA MET A 1089 -27.66 28.64 -6.93
C MET A 1089 -26.59 28.68 -5.84
N PRO A 1090 -26.39 29.83 -5.17
CA PRO A 1090 -25.12 30.10 -4.50
C PRO A 1090 -24.90 29.40 -3.17
N GLN A 1091 -25.96 29.15 -2.41
CA GLN A 1091 -25.83 28.59 -1.06
C GLN A 1091 -25.87 27.07 -1.15
N VAL A 1092 -24.73 26.43 -0.89
CA VAL A 1092 -24.60 24.99 -0.90
C VAL A 1092 -23.87 24.57 0.37
N ASN A 1093 -24.45 23.64 1.12
CA ASN A 1093 -23.94 23.26 2.45
C ASN A 1093 -22.72 22.37 2.29
N ILE A 1094 -21.55 23.00 2.17
CA ILE A 1094 -20.29 22.26 2.11
C ILE A 1094 -19.78 22.07 3.52
N VAL A 1095 -19.59 20.82 3.92
CA VAL A 1095 -19.17 20.47 5.27
C VAL A 1095 -17.86 19.70 5.19
N LYS A 1096 -16.86 20.18 5.91
CA LYS A 1096 -15.61 19.46 6.09
C LYS A 1096 -15.69 18.70 7.40
N LYS A 1097 -15.56 17.38 7.34
CA LYS A 1097 -15.74 16.55 8.52
C LYS A 1097 -14.61 16.79 9.52
N THR A 1098 -14.98 17.12 10.75
CA THR A 1098 -14.00 17.38 11.80
C THR A 1098 -13.44 16.05 12.29
N GLU A 1099 -12.13 15.87 12.14
CA GLU A 1099 -11.47 14.60 12.41
C GLU A 1099 -10.47 14.78 13.53
N VAL A 1100 -10.54 13.93 14.55
CA VAL A 1100 -9.50 13.87 15.56
C VAL A 1100 -8.34 13.08 14.98
N GLN A 1101 -7.16 13.70 14.93
CA GLN A 1101 -6.03 13.09 14.25
C GLN A 1101 -5.46 11.93 15.05
N THR A 1102 -5.21 10.82 14.36
CA THR A 1102 -4.64 9.64 14.96
C THR A 1102 -3.51 9.12 14.09
N GLY A 1103 -2.55 8.48 14.72
CA GLY A 1103 -1.40 7.94 14.04
C GLY A 1103 -0.17 8.07 14.90
N GLY A 1104 0.99 8.05 14.26
CA GLY A 1104 2.23 8.30 14.96
C GLY A 1104 2.28 9.72 15.49
N PHE A 1105 2.71 9.86 16.74
CA PHE A 1105 2.63 11.17 17.37
C PHE A 1105 3.75 12.12 16.95
N SER A 1106 4.69 11.68 16.12
CA SER A 1106 5.73 12.57 15.61
C SER A 1106 6.30 11.98 14.34
N LYS A 1107 7.14 12.77 13.67
CA LYS A 1107 7.93 12.24 12.56
C LYS A 1107 9.02 11.32 13.10
N GLU A 1108 9.39 10.33 12.30
CA GLU A 1108 10.24 9.24 12.78
C GLU A 1108 11.72 9.57 12.78
N SER A 1109 12.13 10.70 12.20
CA SER A 1109 13.54 11.06 12.19
C SER A 1109 13.99 11.51 13.57
N ILE A 1110 15.14 11.01 13.99
CA ILE A 1110 15.72 11.37 15.28
C ILE A 1110 16.80 12.41 15.04
N ARG A 1111 16.58 13.60 15.57
CA ARG A 1111 17.45 14.76 15.38
C ARG A 1111 18.53 14.81 16.46
N PRO A 1112 19.70 15.41 16.15
CA PRO A 1112 20.78 15.46 17.13
C PRO A 1112 20.49 16.34 18.34
N LYS A 1113 21.44 16.36 19.28
CA LYS A 1113 21.29 17.14 20.50
C LYS A 1113 21.31 18.64 20.19
N ARG A 1114 20.57 19.40 21.00
CA ARG A 1114 20.50 20.85 20.88
C ARG A 1114 19.93 21.40 22.17
N ASN A 1115 20.04 22.72 22.33
CA ASN A 1115 19.57 23.38 23.54
C ASN A 1115 18.10 23.80 23.46
N SER A 1116 17.41 23.46 22.37
CA SER A 1116 16.00 23.80 22.26
C SER A 1116 15.14 22.93 23.17
N ASP A 1117 14.08 23.51 23.70
CA ASP A 1117 13.11 22.79 24.51
C ASP A 1117 11.98 22.18 23.68
N LYS A 1118 12.03 22.35 22.36
CA LYS A 1118 10.99 21.84 21.47
C LYS A 1118 11.22 20.38 21.11
N LEU A 1119 12.43 19.87 21.35
CA LEU A 1119 12.74 18.47 21.09
C LEU A 1119 11.95 17.57 22.03
N ILE A 1120 11.30 16.55 21.47
CA ILE A 1120 10.54 15.59 22.25
C ILE A 1120 11.47 14.49 22.75
N ALA A 1121 11.33 14.15 24.03
CA ALA A 1121 12.19 13.14 24.63
C ALA A 1121 11.89 11.77 24.06
N ARG A 1122 12.94 11.03 23.71
CA ARG A 1122 12.78 9.69 23.14
C ARG A 1122 12.54 8.63 24.21
N LYS A 1123 12.80 8.95 25.47
CA LYS A 1123 12.50 8.07 26.59
C LYS A 1123 12.23 8.95 27.80
N LYS A 1124 11.74 8.31 28.86
CA LYS A 1124 11.36 9.06 30.07
C LYS A 1124 12.57 9.71 30.73
N ASP A 1125 13.68 8.97 30.83
CA ASP A 1125 14.86 9.46 31.52
C ASP A 1125 15.89 10.08 30.57
N TRP A 1126 15.59 10.16 29.28
CA TRP A 1126 16.53 10.69 28.30
C TRP A 1126 16.16 12.14 28.02
N ASP A 1127 16.91 13.05 28.59
CA ASP A 1127 16.69 14.48 28.38
C ASP A 1127 17.09 14.84 26.96
N PRO A 1128 16.19 15.39 26.15
CA PRO A 1128 16.52 15.68 24.74
C PRO A 1128 17.57 16.76 24.55
N LYS A 1129 17.89 17.54 25.58
CA LYS A 1129 18.99 18.48 25.48
C LYS A 1129 20.34 17.79 25.39
N LYS A 1130 20.43 16.54 25.85
CA LYS A 1130 21.67 15.79 25.83
C LYS A 1130 21.64 14.57 24.92
N TYR A 1131 20.46 14.08 24.55
CA TYR A 1131 20.33 12.85 23.79
C TYR A 1131 19.64 13.03 22.45
N GLY A 1132 19.21 14.24 22.11
CA GLY A 1132 18.42 14.42 20.91
C GLY A 1132 17.02 13.88 21.12
N GLY A 1133 16.26 13.86 20.02
CA GLY A 1133 14.91 13.37 20.08
C GLY A 1133 14.15 13.69 18.82
N PHE A 1134 12.85 13.42 18.87
CA PHE A 1134 11.97 13.62 17.73
C PHE A 1134 11.56 15.08 17.62
N LEU A 1135 11.00 15.41 16.45
CA LEU A 1135 10.41 16.72 16.21
C LEU A 1135 9.13 16.53 15.40
N TRP A 1136 8.48 17.66 15.12
CA TRP A 1136 7.21 17.77 14.39
C TRP A 1136 6.13 16.89 14.99
N PRO A 1137 5.65 17.15 16.21
CA PRO A 1137 4.57 16.33 16.75
C PRO A 1137 3.25 16.61 16.05
N THR A 1138 2.38 15.61 16.08
CA THR A 1138 1.06 15.72 15.47
C THR A 1138 0.03 16.00 16.56
N VAL A 1139 -0.77 17.04 16.36
CA VAL A 1139 -1.78 17.45 17.33
C VAL A 1139 -3.06 16.67 17.05
N ALA A 1140 -3.52 15.91 18.05
CA ALA A 1140 -4.77 15.18 17.90
C ALA A 1140 -5.96 16.13 17.82
N TYR A 1141 -6.05 17.07 18.77
CA TYR A 1141 -7.05 18.12 18.72
C TYR A 1141 -6.58 19.27 19.59
N SER A 1142 -7.16 20.45 19.35
CA SER A 1142 -6.86 21.63 20.13
C SER A 1142 -7.93 21.83 21.20
N VAL A 1143 -7.54 22.51 22.27
CA VAL A 1143 -8.41 22.71 23.43
C VAL A 1143 -8.40 24.18 23.80
N LEU A 1144 -9.59 24.78 23.87
CA LEU A 1144 -9.74 26.16 24.30
C LEU A 1144 -9.67 26.24 25.82
N VAL A 1145 -8.71 26.99 26.34
CA VAL A 1145 -8.55 27.17 27.78
C VAL A 1145 -8.60 28.67 28.09
N VAL A 1146 -9.25 29.01 29.20
CA VAL A 1146 -9.12 30.31 29.83
C VAL A 1146 -8.62 30.10 31.25
N ALA A 1147 -7.65 30.92 31.65
CA ALA A 1147 -6.94 30.72 32.91
C ALA A 1147 -6.10 31.97 33.18
N LYS A 1148 -5.32 31.89 34.26
CA LYS A 1148 -4.34 32.91 34.60
C LYS A 1148 -2.94 32.33 34.43
N VAL A 1149 -2.05 33.12 33.85
CA VAL A 1149 -0.68 32.69 33.57
C VAL A 1149 0.28 33.63 34.30
N GLU A 1150 1.21 33.06 35.06
CA GLU A 1150 2.22 33.84 35.78
C GLU A 1150 3.18 34.44 34.76
N LYS A 1151 3.05 35.74 34.52
CA LYS A 1151 3.90 36.44 33.57
C LYS A 1151 4.64 37.57 34.25
N GLY A 1152 5.84 37.86 33.75
CA GLY A 1152 6.63 38.98 34.23
C GLY A 1152 7.50 38.62 35.42
N LYS A 1153 8.57 39.39 35.57
CA LYS A 1153 9.44 39.25 36.74
C LYS A 1153 8.71 39.68 38.00
N SER A 1154 8.02 40.82 37.94
CA SER A 1154 7.08 41.22 38.98
C SER A 1154 5.81 40.43 38.74
N LYS A 1155 5.58 39.40 39.54
CA LYS A 1155 4.58 38.39 39.24
C LYS A 1155 3.20 38.96 39.52
N LYS A 1156 2.36 39.01 38.49
CA LYS A 1156 0.93 39.28 38.60
C LYS A 1156 0.20 38.22 37.78
N LEU A 1157 -1.12 38.14 37.99
CA LEU A 1157 -1.95 37.14 37.35
C LEU A 1157 -2.76 37.81 36.24
N LYS A 1158 -2.37 37.56 35.00
CA LYS A 1158 -3.08 38.08 33.84
C LYS A 1158 -3.97 37.00 33.26
N SER A 1159 -5.24 37.31 33.07
CA SER A 1159 -6.15 36.37 32.41
C SER A 1159 -5.82 36.30 30.92
N VAL A 1160 -6.00 35.11 30.35
CA VAL A 1160 -5.69 34.90 28.94
C VAL A 1160 -6.59 33.79 28.41
N LYS A 1161 -7.03 33.95 27.17
CA LYS A 1161 -7.78 32.93 26.46
C LYS A 1161 -6.99 32.55 25.22
N GLU A 1162 -6.62 31.27 25.12
CA GLU A 1162 -5.81 30.83 24.00
C GLU A 1162 -6.02 29.34 23.78
N LEU A 1163 -5.75 28.91 22.55
CA LEU A 1163 -5.79 27.51 22.20
C LEU A 1163 -4.48 26.83 22.58
N LEU A 1164 -4.58 25.55 22.92
CA LEU A 1164 -3.41 24.74 23.23
C LEU A 1164 -3.54 23.42 22.48
N GLY A 1165 -2.48 23.00 21.82
CA GLY A 1165 -2.51 21.77 21.05
C GLY A 1165 -2.21 20.54 21.87
N ILE A 1166 -3.17 19.63 21.97
CA ILE A 1166 -2.99 18.37 22.66
C ILE A 1166 -2.53 17.36 21.62
N THR A 1167 -1.28 16.92 21.71
CA THR A 1167 -0.75 16.00 20.72
C THR A 1167 -1.26 14.59 20.99
N ILE A 1168 -0.88 13.66 20.10
CA ILE A 1168 -1.36 12.29 20.19
C ILE A 1168 -0.76 11.59 21.41
N MET A 1169 0.50 11.90 21.71
CA MET A 1169 1.16 11.27 22.85
C MET A 1169 0.61 11.75 24.19
N GLU A 1170 0.19 13.01 24.28
CA GLU A 1170 -0.41 13.52 25.50
C GLU A 1170 -1.93 13.43 25.51
N ARG A 1171 -2.53 12.75 24.52
CA ARG A 1171 -3.97 12.64 24.46
C ARG A 1171 -4.53 11.88 25.65
N SER A 1172 -3.96 10.71 25.95
CA SER A 1172 -4.44 9.89 27.07
C SER A 1172 -4.24 10.59 28.40
N SER A 1173 -3.06 11.20 28.60
CA SER A 1173 -2.77 11.91 29.84
C SER A 1173 -3.68 13.13 30.02
N PHE A 1174 -4.12 13.72 28.92
CA PHE A 1174 -5.09 14.81 29.02
C PHE A 1174 -6.48 14.30 29.35
N GLU A 1175 -6.88 13.18 28.74
CA GLU A 1175 -8.23 12.68 28.95
C GLU A 1175 -8.42 11.95 30.27
N LYS A 1176 -7.34 11.53 30.94
CA LYS A 1176 -7.51 11.01 32.30
C LYS A 1176 -7.96 12.10 33.26
N ASN A 1177 -7.26 13.23 33.25
CA ASN A 1177 -7.58 14.34 34.14
C ASN A 1177 -7.08 15.63 33.53
N PRO A 1178 -7.95 16.40 32.86
CA PRO A 1178 -7.49 17.62 32.17
C PRO A 1178 -6.99 18.70 33.10
N ILE A 1179 -7.47 18.77 34.34
CA ILE A 1179 -7.22 19.94 35.19
C ILE A 1179 -5.74 20.01 35.58
N ASP A 1180 -5.18 18.91 36.10
CA ASP A 1180 -3.77 18.95 36.47
C ASP A 1180 -2.84 18.88 35.26
N PHE A 1181 -3.31 18.36 34.13
CA PHE A 1181 -2.52 18.45 32.91
C PHE A 1181 -2.38 19.91 32.46
N LEU A 1182 -3.47 20.67 32.52
CA LEU A 1182 -3.39 22.09 32.23
C LEU A 1182 -2.60 22.84 33.29
N GLU A 1183 -2.66 22.37 34.54
CA GLU A 1183 -1.91 23.01 35.61
C GLU A 1183 -0.41 22.77 35.48
N ALA A 1184 -0.02 21.63 34.91
CA ALA A 1184 1.40 21.37 34.68
C ALA A 1184 1.98 22.23 33.57
N LYS A 1185 1.15 22.79 32.71
CA LYS A 1185 1.61 23.65 31.62
C LYS A 1185 1.70 25.11 32.02
N GLY A 1186 1.37 25.45 33.26
CA GLY A 1186 1.45 26.81 33.75
C GLY A 1186 0.11 27.49 33.97
N TYR A 1187 -0.97 26.96 33.40
CA TYR A 1187 -2.28 27.56 33.57
C TYR A 1187 -2.83 27.24 34.96
N LYS A 1188 -3.21 28.29 35.69
CA LYS A 1188 -3.86 28.11 36.99
C LYS A 1188 -5.18 28.86 36.99
N GLU A 1189 -6.03 28.51 37.96
CA GLU A 1189 -7.41 28.97 38.05
C GLU A 1189 -8.18 28.69 36.76
N VAL A 1190 -8.02 27.48 36.26
CA VAL A 1190 -8.64 27.08 35.00
C VAL A 1190 -10.13 26.84 35.23
N LYS A 1191 -10.96 27.52 34.46
CA LYS A 1191 -12.40 27.27 34.49
C LYS A 1191 -12.67 25.99 33.70
N LYS A 1192 -13.15 24.97 34.40
CA LYS A 1192 -13.26 23.64 33.81
C LYS A 1192 -14.42 23.57 32.80
N ASP A 1193 -15.53 24.24 33.10
CA ASP A 1193 -16.72 24.12 32.26
C ASP A 1193 -16.55 24.81 30.91
N LEU A 1194 -15.59 25.71 30.76
CA LEU A 1194 -15.39 26.42 29.51
C LEU A 1194 -14.34 25.75 28.63
N ILE A 1195 -13.88 24.55 28.98
CA ILE A 1195 -12.97 23.81 28.12
C ILE A 1195 -13.75 23.27 26.93
N ILE A 1196 -13.31 23.65 25.73
CA ILE A 1196 -13.97 23.26 24.49
C ILE A 1196 -12.97 22.45 23.67
N LYS A 1197 -13.36 21.22 23.30
CA LYS A 1197 -12.52 20.39 22.45
C LYS A 1197 -12.70 20.82 21.00
N LEU A 1198 -11.61 21.16 20.34
CA LEU A 1198 -11.64 21.66 18.96
C LEU A 1198 -10.83 20.73 18.07
N PRO A 1199 -11.47 19.82 17.34
CA PRO A 1199 -10.72 18.95 16.42
C PRO A 1199 -10.21 19.68 15.20
N LYS A 1200 -9.54 18.95 14.31
CA LYS A 1200 -9.08 19.54 13.05
C LYS A 1200 -10.29 19.88 12.18
N TYR A 1201 -10.13 20.92 11.35
CA TYR A 1201 -11.18 21.46 10.48
C TYR A 1201 -12.38 21.96 11.28
N SER A 1202 -12.15 22.50 12.48
CA SER A 1202 -13.20 23.19 13.20
C SER A 1202 -13.47 24.53 12.54
N LEU A 1203 -14.74 24.86 12.36
CA LEU A 1203 -15.14 26.01 11.57
C LEU A 1203 -15.37 27.22 12.48
N PHE A 1204 -14.76 28.34 12.11
CA PHE A 1204 -14.98 29.62 12.77
C PHE A 1204 -15.47 30.64 11.76
N GLU A 1205 -16.33 31.54 12.20
CA GLU A 1205 -16.86 32.60 11.35
C GLU A 1205 -16.46 33.95 11.93
N LEU A 1206 -15.97 34.83 11.07
CA LEU A 1206 -15.50 36.15 11.45
C LEU A 1206 -16.27 37.20 10.64
N GLU A 1207 -15.78 38.45 10.69
CA GLU A 1207 -16.48 39.57 10.08
C GLU A 1207 -16.55 39.42 8.55
N ASN A 1208 -17.60 40.02 7.97
CA ASN A 1208 -17.88 40.00 6.53
C ASN A 1208 -18.03 38.58 5.99
N GLY A 1209 -18.48 37.66 6.83
CA GLY A 1209 -18.66 36.29 6.38
C GLY A 1209 -17.39 35.52 6.16
N ARG A 1210 -16.26 36.00 6.68
CA ARG A 1210 -14.99 35.31 6.51
C ARG A 1210 -14.95 34.08 7.40
N LYS A 1211 -14.66 32.92 6.80
CA LYS A 1211 -14.64 31.65 7.52
C LYS A 1211 -13.23 31.06 7.47
N ARG A 1212 -12.79 30.56 8.62
CA ARG A 1212 -11.48 29.93 8.75
C ARG A 1212 -11.65 28.56 9.38
N MET A 1213 -10.93 27.58 8.84
CA MET A 1213 -10.97 26.21 9.33
C MET A 1213 -9.71 25.94 10.15
N LEU A 1214 -9.90 25.37 11.33
CA LEU A 1214 -8.79 25.16 12.26
C LEU A 1214 -8.01 23.92 11.83
N ALA A 1215 -6.81 24.14 11.28
CA ALA A 1215 -5.96 23.03 10.87
C ALA A 1215 -5.10 22.50 12.00
N SER A 1216 -4.79 23.34 12.98
CA SER A 1216 -4.02 22.96 14.16
C SER A 1216 -4.19 24.05 15.20
N ALA A 1217 -3.43 23.97 16.29
CA ALA A 1217 -3.49 25.00 17.31
C ALA A 1217 -2.89 26.31 16.83
N LYS A 1218 -1.95 26.26 15.89
CA LYS A 1218 -1.26 27.44 15.40
C LYS A 1218 -1.30 27.54 13.88
N GLN A 1219 -2.39 27.06 13.26
CA GLN A 1219 -2.51 27.05 11.81
C GLN A 1219 -3.98 27.09 11.44
N LEU A 1220 -4.35 28.00 10.56
CA LEU A 1220 -5.71 28.08 10.04
C LEU A 1220 -5.74 27.68 8.58
N GLN A 1221 -6.95 27.64 8.02
CA GLN A 1221 -7.15 27.22 6.64
C GLN A 1221 -8.29 28.04 6.05
N LYS A 1222 -8.29 28.16 4.73
CA LYS A 1222 -9.37 28.84 4.04
C LYS A 1222 -10.64 28.01 4.11
N GLY A 1223 -11.74 28.65 4.49
CA GLY A 1223 -12.99 27.92 4.67
C GLY A 1223 -14.17 28.55 3.98
N ASN A 1224 -13.92 29.43 3.02
CA ASN A 1224 -14.96 30.10 2.27
C ASN A 1224 -15.06 29.52 0.86
N GLU A 1225 -16.24 29.66 0.27
CA GLU A 1225 -16.54 29.11 -1.04
C GLU A 1225 -16.82 30.25 -2.02
N LEU A 1226 -16.21 30.17 -3.21
CA LEU A 1226 -16.50 31.12 -4.28
C LEU A 1226 -17.66 30.58 -5.10
N ALA A 1227 -18.82 31.23 -5.00
CA ALA A 1227 -20.02 30.79 -5.72
C ALA A 1227 -20.08 31.52 -7.05
N LEU A 1228 -19.31 31.01 -8.00
CA LEU A 1228 -19.26 31.61 -9.32
C LEU A 1228 -20.48 31.21 -10.13
N PRO A 1229 -21.09 32.16 -10.86
CA PRO A 1229 -22.29 31.84 -11.65
C PRO A 1229 -22.01 30.85 -12.78
N SER A 1230 -23.09 30.20 -13.22
CA SER A 1230 -22.98 29.05 -14.12
C SER A 1230 -22.55 29.46 -15.53
N LYS A 1231 -22.89 30.67 -15.97
CA LYS A 1231 -22.46 31.12 -17.29
C LYS A 1231 -20.94 31.25 -17.35
N TYR A 1232 -20.34 31.74 -16.27
CA TYR A 1232 -18.89 31.87 -16.21
C TYR A 1232 -18.21 30.50 -16.20
N VAL A 1233 -18.74 29.53 -15.46
CA VAL A 1233 -18.11 28.21 -15.45
C VAL A 1233 -18.29 27.54 -16.80
N ASN A 1234 -19.41 27.80 -17.49
CA ASN A 1234 -19.57 27.29 -18.86
C ASN A 1234 -18.53 27.88 -19.79
N PHE A 1235 -18.32 29.20 -19.70
CA PHE A 1235 -17.36 29.86 -20.58
C PHE A 1235 -15.94 29.42 -20.26
N LEU A 1236 -15.62 29.22 -18.99
CA LEU A 1236 -14.28 28.75 -18.62
C LEU A 1236 -14.04 27.31 -19.05
N TYR A 1237 -15.07 26.46 -19.05
CA TYR A 1237 -14.84 25.11 -19.56
C TYR A 1237 -14.67 25.15 -21.07
N LEU A 1238 -15.47 25.98 -21.76
CA LEU A 1238 -15.40 26.04 -23.21
C LEU A 1238 -14.11 26.69 -23.70
N ALA A 1239 -13.52 27.58 -22.90
CA ALA A 1239 -12.25 28.17 -23.26
C ALA A 1239 -11.14 27.12 -23.25
N SER A 1240 -11.16 26.23 -22.27
CA SER A 1240 -10.29 25.06 -22.29
C SER A 1240 -10.86 24.01 -23.24
N HIS A 1241 -10.06 22.98 -23.50
CA HIS A 1241 -10.37 21.89 -24.44
C HIS A 1241 -10.78 22.46 -25.81
N TYR A 1242 -9.88 23.27 -26.37
CA TYR A 1242 -10.20 24.05 -27.55
C TYR A 1242 -10.36 23.17 -28.79
N GLU A 1243 -9.52 22.14 -28.92
CA GLU A 1243 -9.55 21.26 -30.09
C GLU A 1243 -9.52 19.79 -29.68
N LYS A 1244 -10.16 19.44 -28.55
CA LYS A 1244 -10.20 18.05 -28.13
C LYS A 1244 -11.59 17.65 -27.64
N LEU A 1245 -12.64 18.21 -28.24
CA LEU A 1245 -13.99 17.78 -27.90
C LEU A 1245 -14.35 16.44 -28.52
N LYS A 1246 -13.85 16.17 -29.73
CA LYS A 1246 -14.11 14.93 -30.47
C LYS A 1246 -15.60 14.68 -30.68
N GLY A 1247 -16.34 15.75 -30.98
CA GLY A 1247 -17.76 15.64 -31.25
C GLY A 1247 -18.10 15.73 -32.72
N SER A 1248 -18.63 16.87 -33.13
CA SER A 1248 -18.94 17.16 -34.52
C SER A 1248 -18.35 18.50 -34.90
N PRO A 1249 -17.99 18.69 -36.18
CA PRO A 1249 -17.40 19.98 -36.59
C PRO A 1249 -18.32 21.19 -36.38
N GLU A 1250 -19.63 21.03 -36.56
CA GLU A 1250 -20.54 22.15 -36.39
C GLU A 1250 -20.64 22.54 -34.92
N ASP A 1251 -20.72 21.56 -34.01
CA ASP A 1251 -20.71 21.86 -32.58
C ASP A 1251 -19.37 22.46 -32.17
N ASN A 1252 -18.28 21.98 -32.78
CA ASN A 1252 -16.96 22.51 -32.51
C ASN A 1252 -16.89 23.99 -32.84
N GLU A 1253 -17.27 24.36 -34.08
CA GLU A 1253 -17.20 25.76 -34.49
C GLU A 1253 -18.20 26.62 -33.72
N GLN A 1254 -19.32 26.01 -33.29
CA GLN A 1254 -20.27 26.69 -32.41
C GLN A 1254 -19.57 27.15 -31.13
N LYS A 1255 -18.87 26.23 -30.47
CA LYS A 1255 -18.17 26.62 -29.25
C LYS A 1255 -17.00 27.55 -29.53
N GLN A 1256 -16.38 27.48 -30.72
CA GLN A 1256 -15.32 28.44 -31.02
C GLN A 1256 -15.84 29.87 -31.11
N LEU A 1257 -16.96 30.10 -31.82
CA LEU A 1257 -17.38 31.50 -31.87
C LEU A 1257 -17.97 31.93 -30.54
N PHE A 1258 -18.60 30.99 -29.83
CA PHE A 1258 -19.13 31.28 -28.49
C PHE A 1258 -18.02 31.73 -27.55
N VAL A 1259 -16.85 31.09 -27.62
CA VAL A 1259 -15.79 31.52 -26.74
C VAL A 1259 -15.11 32.78 -27.25
N GLU A 1260 -15.06 33.03 -28.58
CA GLU A 1260 -14.26 34.17 -28.98
C GLU A 1260 -15.00 35.49 -28.82
N GLN A 1261 -16.34 35.53 -28.94
CA GLN A 1261 -16.95 36.86 -28.87
C GLN A 1261 -17.24 37.31 -27.43
N HIS A 1262 -16.86 36.51 -26.42
CA HIS A 1262 -17.06 36.89 -25.03
C HIS A 1262 -15.75 37.00 -24.27
N LYS A 1263 -14.76 37.70 -24.84
CA LYS A 1263 -13.46 37.83 -24.18
C LYS A 1263 -13.50 38.75 -22.96
N HIS A 1264 -14.55 39.56 -22.80
CA HIS A 1264 -14.67 40.38 -21.60
C HIS A 1264 -15.01 39.56 -20.36
N TYR A 1265 -15.45 38.32 -20.54
CA TYR A 1265 -15.78 37.48 -19.39
C TYR A 1265 -14.55 37.15 -18.55
N LEU A 1266 -13.37 37.01 -19.16
CA LEU A 1266 -12.16 36.78 -18.39
C LEU A 1266 -11.83 37.97 -17.49
N ASP A 1267 -11.99 39.19 -18.01
CA ASP A 1267 -11.78 40.37 -17.19
C ASP A 1267 -12.80 40.47 -16.07
N GLU A 1268 -14.05 40.14 -16.37
CA GLU A 1268 -15.08 40.10 -15.32
C GLU A 1268 -14.76 39.04 -14.27
N ILE A 1269 -14.21 37.91 -14.69
CA ILE A 1269 -13.90 36.83 -13.77
C ILE A 1269 -12.75 37.23 -12.85
N ILE A 1270 -11.68 37.83 -13.41
CA ILE A 1270 -10.59 38.27 -12.55
C ILE A 1270 -11.03 39.39 -11.62
N GLU A 1271 -12.02 40.20 -12.04
CA GLU A 1271 -12.63 41.14 -11.11
C GLU A 1271 -13.34 40.40 -9.99
N GLN A 1272 -14.00 39.28 -10.30
CA GLN A 1272 -14.67 38.49 -9.28
C GLN A 1272 -13.67 37.90 -8.28
N ILE A 1273 -12.52 37.41 -8.77
CA ILE A 1273 -11.48 36.92 -7.85
C ILE A 1273 -10.92 38.06 -7.01
N SER A 1274 -10.69 39.22 -7.62
CA SER A 1274 -10.16 40.35 -6.86
C SER A 1274 -11.15 40.87 -5.83
N GLU A 1275 -12.44 40.63 -6.02
CA GLU A 1275 -13.43 40.97 -5.00
C GLU A 1275 -13.45 39.91 -3.89
N PHE A 1276 -13.57 38.63 -4.28
CA PHE A 1276 -13.73 37.56 -3.31
C PHE A 1276 -12.49 37.39 -2.43
N SER A 1277 -11.30 37.44 -3.03
CA SER A 1277 -10.09 37.29 -2.25
C SER A 1277 -9.80 38.52 -1.40
N LYS A 1278 -10.32 39.68 -1.78
CA LYS A 1278 -10.24 40.84 -0.90
C LYS A 1278 -11.26 40.76 0.23
N ARG A 1279 -12.33 39.98 0.06
CA ARG A 1279 -13.32 39.87 1.12
C ARG A 1279 -12.90 38.90 2.22
N VAL A 1280 -12.52 37.68 1.85
CA VAL A 1280 -12.35 36.60 2.82
C VAL A 1280 -10.95 36.01 2.85
N ILE A 1281 -10.11 36.26 1.86
CA ILE A 1281 -8.81 35.61 1.82
C ILE A 1281 -7.73 36.46 2.48
N LEU A 1282 -7.80 37.78 2.26
CA LEU A 1282 -6.90 38.76 2.87
C LEU A 1282 -5.43 38.49 2.49
N ALA A 1283 -5.21 38.24 1.20
CA ALA A 1283 -3.87 38.08 0.64
C ALA A 1283 -3.69 39.19 -0.38
N ASP A 1284 -3.19 40.34 0.08
CA ASP A 1284 -3.14 41.52 -0.78
C ASP A 1284 -1.90 41.50 -1.68
N ALA A 1285 -0.76 41.05 -1.16
CA ALA A 1285 0.46 41.02 -1.96
C ALA A 1285 0.33 40.05 -3.12
N ASN A 1286 -0.20 38.85 -2.86
CA ASN A 1286 -0.45 37.91 -3.94
C ASN A 1286 -1.49 38.43 -4.90
N LEU A 1287 -2.44 39.24 -4.42
CA LEU A 1287 -3.42 39.88 -5.30
C LEU A 1287 -2.75 40.83 -6.28
N ASP A 1288 -1.81 41.65 -5.79
CA ASP A 1288 -1.09 42.53 -6.69
C ASP A 1288 -0.22 41.74 -7.67
N LYS A 1289 0.37 40.63 -7.22
CA LYS A 1289 1.14 39.79 -8.15
C LYS A 1289 0.26 39.21 -9.26
N VAL A 1290 -0.92 38.67 -8.91
CA VAL A 1290 -1.73 38.06 -9.96
C VAL A 1290 -2.29 39.13 -10.89
N LEU A 1291 -2.66 40.30 -10.35
CA LEU A 1291 -3.17 41.37 -11.20
C LEU A 1291 -2.11 41.88 -12.16
N SER A 1292 -0.88 42.05 -11.69
CA SER A 1292 0.21 42.49 -12.57
C SER A 1292 0.53 41.44 -13.63
N ALA A 1293 0.60 40.17 -13.22
CA ALA A 1293 0.91 39.10 -14.17
C ALA A 1293 -0.20 38.90 -15.18
N TYR A 1294 -1.45 39.16 -14.79
CA TYR A 1294 -2.56 39.07 -15.73
C TYR A 1294 -2.52 40.24 -16.71
N ASN A 1295 -2.23 41.45 -16.21
CA ASN A 1295 -2.19 42.62 -17.08
C ASN A 1295 -1.06 42.51 -18.10
N LYS A 1296 0.11 42.02 -17.69
CA LYS A 1296 1.24 41.95 -18.60
C LYS A 1296 1.28 40.67 -19.42
N HIS A 1297 0.39 39.71 -19.13
CA HIS A 1297 0.14 38.58 -20.03
C HIS A 1297 -1.30 38.55 -20.52
N ARG A 1298 -1.82 39.70 -20.95
CA ARG A 1298 -3.20 39.76 -21.40
C ARG A 1298 -3.37 39.37 -22.87
N ASP A 1299 -2.34 39.54 -23.69
CA ASP A 1299 -2.45 39.35 -25.13
C ASP A 1299 -2.23 37.91 -25.59
N LYS A 1300 -1.93 37.00 -24.67
CA LYS A 1300 -1.75 35.60 -25.05
C LYS A 1300 -3.09 34.96 -25.42
N PRO A 1301 -3.08 33.90 -26.27
CA PRO A 1301 -4.35 33.29 -26.70
C PRO A 1301 -5.14 32.61 -25.60
N ILE A 1302 -6.29 32.05 -25.99
CA ILE A 1302 -7.29 31.59 -25.03
C ILE A 1302 -6.90 30.29 -24.36
N ARG A 1303 -6.06 29.45 -25.01
CA ARG A 1303 -5.65 28.18 -24.42
C ARG A 1303 -4.84 28.37 -23.14
N GLU A 1304 -3.69 29.04 -23.24
CA GLU A 1304 -2.82 29.19 -22.09
C GLU A 1304 -3.46 30.09 -21.03
N GLN A 1305 -4.15 31.15 -21.47
CA GLN A 1305 -4.85 32.03 -20.54
C GLN A 1305 -5.93 31.27 -19.78
N ALA A 1306 -6.70 30.44 -20.48
CA ALA A 1306 -7.77 29.67 -19.85
C ALA A 1306 -7.22 28.65 -18.88
N GLU A 1307 -6.16 27.93 -19.27
CA GLU A 1307 -5.61 26.91 -18.37
C GLU A 1307 -5.01 27.55 -17.12
N ASN A 1308 -4.35 28.71 -17.28
CA ASN A 1308 -3.78 29.37 -16.12
C ASN A 1308 -4.84 30.04 -15.25
N ILE A 1309 -5.97 30.48 -15.80
CA ILE A 1309 -6.99 31.02 -14.90
C ILE A 1309 -7.74 29.87 -14.24
N ILE A 1310 -7.72 28.66 -14.84
CA ILE A 1310 -8.18 27.48 -14.12
C ILE A 1310 -7.29 27.19 -12.91
N HIS A 1311 -5.96 27.27 -13.08
CA HIS A 1311 -5.18 27.14 -11.84
C HIS A 1311 -5.24 28.38 -10.95
N LEU A 1312 -5.78 29.50 -11.42
CA LEU A 1312 -5.86 30.70 -10.59
C LEU A 1312 -6.80 30.55 -9.41
N PHE A 1313 -7.72 29.59 -9.44
CA PHE A 1313 -8.67 29.39 -8.35
C PHE A 1313 -8.04 28.72 -7.14
N THR A 1314 -6.78 28.30 -7.22
CA THR A 1314 -6.10 27.72 -6.08
C THR A 1314 -5.94 28.74 -4.95
N LEU A 1315 -5.89 30.03 -5.31
CA LEU A 1315 -5.82 31.08 -4.29
C LEU A 1315 -7.09 31.13 -3.45
N THR A 1316 -8.25 30.89 -4.07
CA THR A 1316 -9.53 30.98 -3.38
C THR A 1316 -10.15 29.62 -3.07
N ARG A 1317 -9.46 28.52 -3.34
CA ARG A 1317 -10.00 27.20 -3.04
C ARG A 1317 -9.97 26.94 -1.54
N LEU A 1318 -11.01 26.28 -1.04
CA LEU A 1318 -11.04 25.89 0.36
C LEU A 1318 -9.96 24.86 0.66
N GLY A 1319 -9.35 24.98 1.83
CA GLY A 1319 -8.33 24.05 2.26
C GLY A 1319 -7.07 24.79 2.64
N ALA A 1320 -5.95 24.08 2.56
CA ALA A 1320 -4.66 24.70 2.83
C ALA A 1320 -4.23 25.56 1.64
N PRO A 1321 -3.58 26.69 1.89
CA PRO A 1321 -3.06 27.52 0.78
C PRO A 1321 -1.91 26.81 0.08
N ARG A 1322 -2.09 26.55 -1.22
CA ARG A 1322 -1.10 25.85 -2.03
C ARG A 1322 -0.46 26.80 -3.02
N ALA A 1323 0.73 26.44 -3.48
CA ALA A 1323 1.49 27.24 -4.42
C ALA A 1323 1.07 26.90 -5.84
N PHE A 1324 0.24 27.75 -6.43
CA PHE A 1324 -0.14 27.61 -7.82
C PHE A 1324 0.88 28.34 -8.69
N LYS A 1325 0.68 28.27 -10.00
CA LYS A 1325 1.57 28.96 -10.93
C LYS A 1325 0.75 29.56 -12.07
N TYR A 1326 1.22 30.70 -12.55
CA TYR A 1326 0.67 31.39 -13.70
C TYR A 1326 1.43 30.89 -14.93
N PHE A 1327 1.41 31.65 -16.03
CA PHE A 1327 2.22 31.33 -17.23
C PHE A 1327 3.67 30.99 -16.87
N ASP A 1328 4.35 31.94 -16.26
CA ASP A 1328 5.75 31.78 -15.86
C ASP A 1328 5.99 32.00 -14.39
N THR A 1329 5.34 33.00 -13.79
CA THR A 1329 5.57 33.30 -12.38
C THR A 1329 4.85 32.27 -11.50
N THR A 1330 5.44 32.03 -10.34
CA THR A 1330 4.89 31.10 -9.36
C THR A 1330 4.62 31.87 -8.07
N ILE A 1331 3.39 31.81 -7.58
CA ILE A 1331 2.99 32.54 -6.39
C ILE A 1331 3.16 31.64 -5.17
N ASP A 1332 3.99 32.08 -4.24
CA ASP A 1332 4.12 31.37 -2.98
C ASP A 1332 2.84 31.52 -2.16
N PRO A 1333 2.44 30.49 -1.42
CA PRO A 1333 1.18 30.58 -0.66
C PRO A 1333 1.29 31.55 0.49
N LYS A 1334 0.16 32.16 0.82
CA LYS A 1334 0.04 33.00 2.01
C LYS A 1334 -0.46 32.12 3.14
N GLN A 1335 0.40 31.87 4.12
CA GLN A 1335 0.09 30.97 5.22
C GLN A 1335 -0.51 31.74 6.39
N TYR A 1336 -1.55 31.17 6.98
CA TYR A 1336 -2.22 31.77 8.13
C TYR A 1336 -1.69 31.14 9.42
N ARG A 1337 -0.45 31.48 9.75
CA ARG A 1337 0.21 30.92 10.92
C ARG A 1337 -0.08 31.71 12.19
N SER A 1338 -1.36 31.98 12.44
CA SER A 1338 -1.76 32.74 13.63
C SER A 1338 -3.22 32.43 13.91
N THR A 1339 -3.49 31.75 15.03
CA THR A 1339 -4.85 31.47 15.47
C THR A 1339 -5.30 32.44 16.56
N LYS A 1340 -4.76 33.66 16.56
CA LYS A 1340 -5.18 34.64 17.55
C LYS A 1340 -6.51 35.29 17.21
N GLU A 1341 -6.94 35.23 15.95
CA GLU A 1341 -8.18 35.89 15.54
C GLU A 1341 -9.42 35.06 15.82
N VAL A 1342 -9.29 33.78 16.17
CA VAL A 1342 -10.46 32.94 16.38
C VAL A 1342 -10.88 32.87 17.83
N LEU A 1343 -10.18 33.55 18.74
CA LEU A 1343 -10.62 33.63 20.12
C LEU A 1343 -11.88 34.48 20.28
N ASP A 1344 -12.16 35.37 19.33
CA ASP A 1344 -13.35 36.21 19.39
C ASP A 1344 -14.27 35.96 18.22
N ALA A 1345 -14.10 34.84 17.52
CA ALA A 1345 -14.94 34.48 16.39
C ALA A 1345 -16.16 33.70 16.88
N THR A 1346 -16.98 33.25 15.93
CA THR A 1346 -18.16 32.45 16.23
C THR A 1346 -17.89 31.02 15.78
N LEU A 1347 -17.76 30.12 16.74
CA LEU A 1347 -17.48 28.72 16.43
C LEU A 1347 -18.75 28.04 15.96
N ILE A 1348 -18.65 27.28 14.86
CA ILE A 1348 -19.78 26.63 14.23
C ILE A 1348 -19.65 25.12 14.44
N HIS A 1349 -20.68 24.52 15.02
CA HIS A 1349 -20.75 23.07 15.15
C HIS A 1349 -21.76 22.55 14.13
N GLN A 1350 -21.25 21.95 13.05
CA GLN A 1350 -22.07 21.52 11.94
C GLN A 1350 -22.29 20.02 11.98
N SER A 1351 -23.53 19.60 11.70
CA SER A 1351 -23.84 18.18 11.59
C SER A 1351 -23.27 17.61 10.29
N ILE A 1352 -23.57 16.33 10.03
CA ILE A 1352 -22.98 15.67 8.87
C ILE A 1352 -23.51 16.26 7.57
N THR A 1353 -24.71 16.84 7.60
CA THR A 1353 -25.23 17.59 6.47
C THR A 1353 -25.01 19.09 6.59
N GLY A 1354 -24.76 19.58 7.80
CA GLY A 1354 -24.58 21.00 8.03
C GLY A 1354 -25.87 21.78 8.15
N LEU A 1355 -27.03 21.13 8.08
CA LEU A 1355 -28.28 21.85 8.21
C LEU A 1355 -28.53 22.28 9.65
N TYR A 1356 -28.30 21.39 10.60
CA TYR A 1356 -28.39 21.72 12.01
C TYR A 1356 -27.06 22.27 12.50
N GLU A 1357 -27.10 23.43 13.16
CA GLU A 1357 -25.90 24.11 13.59
C GLU A 1357 -26.04 24.56 15.04
N THR A 1358 -24.89 24.73 15.69
CA THR A 1358 -24.83 25.27 17.05
C THR A 1358 -23.70 26.30 17.07
N ARG A 1359 -24.06 27.59 17.05
CA ARG A 1359 -23.10 28.66 16.94
C ARG A 1359 -22.76 29.17 18.34
N ILE A 1360 -21.48 29.11 18.69
CA ILE A 1360 -20.99 29.55 19.99
C ILE A 1360 -20.13 30.79 19.77
N ASP A 1361 -20.51 31.89 20.40
CA ASP A 1361 -19.76 33.14 20.30
C ASP A 1361 -18.69 33.14 21.38
N LEU A 1362 -17.43 32.92 20.96
CA LEU A 1362 -16.33 32.81 21.91
C LEU A 1362 -15.93 34.14 22.53
N SER A 1363 -16.38 35.26 21.96
CA SER A 1363 -16.04 36.56 22.55
C SER A 1363 -16.76 36.81 23.87
N GLN A 1364 -17.83 36.07 24.14
CA GLN A 1364 -18.56 36.18 25.39
C GLN A 1364 -17.97 35.31 26.49
N LEU A 1365 -16.93 34.52 26.18
CA LEU A 1365 -16.29 33.67 27.16
C LEU A 1365 -14.96 34.27 27.58
N GLY A 1366 -14.77 34.43 28.89
CA GLY A 1366 -13.54 34.99 29.41
C GLY A 1366 -13.37 36.46 29.14
#